data_3VYC
#
_entry.id   3VYC
#
_cell.length_a   116.782
_cell.length_b   116.782
_cell.length_c   118.980
_cell.angle_alpha   90.00
_cell.angle_beta   90.00
_cell.angle_gamma   90.00
#
_symmetry.space_group_name_H-M   'P 41'
#
loop_
_entity.id
_entity.type
_entity.pdbx_description
1 polymer Exportin-1
2 water water
#
_entity_poly.entity_id   1
_entity_poly.type   'polypeptide(L)'
_entity_poly.pdbx_seq_one_letter_code
;MEGILDFSNDLDIALLDQVVSTFYQGSGVQQKQAQEILTKFQDNPDAWQKADQILQFSTNPQSKFIALSILDKLITRKWK
LLPNDHRIGIRNFVVGMIISMCQDDEVFKTQKNLINKSDLTLVQILKQEWPQNWPEFIPELIGSSSSSVNVCENNMIVLK
LLSEEVFDFSAEQMTQAKALHLKNSMSKEFEQIFKLCFQVLEQGSSSSLIVATLESLLRYLHWIPYRYIYETNILELLST
KFMTSPDTRAITLKCLTEVSNLKIPQDNDLIKRQTVLFFQNTLQQIATSVMPVTADLKATYANANGNDQSFLQDLAMFLT
TYLARNRALLESDESLRELLLNAHQYLIQLSKIEERELFKTTLDYWHNLVADLFYEPLKKHIYEEICSQLRLVIIENMVR
PEEVLVVENDEGEIVREFVKESDTIQLYKSEREVLVYLTHLNVIDTEEIMISKLARQIDGSEWSWHNINTLSWAIGSISG
TMSEDTEKRFVVTVIKDLLDLTVKKRGKDNKAVVASDIMYVVGQYPRFLKAHWNFLRTVILKLFEFMHETHEGVQDMACD
TFIKIVQKCKYHFVIQQPRESEPFIQTIIRDIQKTTADLQPQQVHTFYKACGIIISEERSVAERNRLLSDLMQLPNMAWD
TIVEQSTANPTLLLDSETVKIIANIIKTNVAVCTSMGADFYPQLGHIYYNMLQLYRAVSSMISAQVAAEGLIATKTPKVR
GLRTIKKEILKLVETYISKARNLDDVVKVLVEPLLNAVLEDYMNNVPDARDAEVLNCMTTVVEKVGHMIPQGVILILQSV
FECTLDMINKDFTEYPEHRVEFYKLLKVINEKSFAAFLELPPAAFKLFVDAICWAFKHNNRDVEVNGLQIALDLVKNIER
MGNVPFANEFHKNYFFIFVSETFFVLTDSDHKSGFSKQALLLMKLISLVYDNKTSNQVYLSQYLANMLSNAFPHLTSEQI
ASFLSALTKQYKDLVVFKGTLRDFLVQIKEVGGDPTDYLFAEDKENALMEQNRLEREKAAKIGGLLKPSELDD
;
_entity_poly.pdbx_strand_id   A
#
# COMPACT_ATOMS: atom_id res chain seq x y z
N ALA A 47 31.89 -23.84 33.37
CA ALA A 47 33.03 -24.42 32.60
C ALA A 47 33.85 -23.34 31.87
N TRP A 48 33.38 -22.08 31.91
CA TRP A 48 33.93 -20.97 31.10
C TRP A 48 35.34 -20.49 31.45
N GLN A 49 35.76 -20.76 32.69
CA GLN A 49 36.86 -20.07 33.35
C GLN A 49 38.15 -19.86 32.55
N LYS A 50 38.39 -20.75 31.58
CA LYS A 50 39.66 -20.83 30.84
C LYS A 50 39.84 -19.70 29.79
N ALA A 51 39.35 -18.50 30.11
CA ALA A 51 39.24 -17.42 29.14
C ALA A 51 40.53 -16.61 28.87
N ASP A 52 40.90 -15.76 29.82
CA ASP A 52 41.98 -14.77 29.66
C ASP A 52 43.26 -15.29 28.99
N GLN A 53 43.64 -16.53 29.32
CA GLN A 53 44.93 -17.11 28.88
C GLN A 53 45.05 -17.39 27.38
N ILE A 54 43.97 -17.92 26.78
CA ILE A 54 43.97 -18.29 25.35
C ILE A 54 44.27 -17.09 24.44
N LEU A 55 43.92 -15.91 24.93
CA LEU A 55 44.19 -14.66 24.21
C LEU A 55 45.47 -14.00 24.73
N GLN A 56 45.49 -13.62 26.01
CA GLN A 56 46.66 -12.96 26.61
C GLN A 56 47.80 -13.95 26.87
N LYS A 64 41.45 -19.83 18.59
CA LYS A 64 40.68 -18.70 19.09
C LYS A 64 39.31 -18.56 18.42
N PHE A 65 38.98 -19.51 17.54
CA PHE A 65 37.70 -19.55 16.83
C PHE A 65 36.51 -19.88 17.75
N ILE A 66 36.60 -21.02 18.45
CA ILE A 66 35.58 -21.41 19.43
C ILE A 66 35.92 -20.89 20.84
N ALA A 67 37.07 -20.21 20.97
CA ALA A 67 37.53 -19.65 22.26
C ALA A 67 36.77 -18.37 22.66
N LEU A 68 36.63 -17.45 21.71
CA LEU A 68 35.76 -16.28 21.90
C LEU A 68 34.28 -16.68 21.93
N SER A 69 33.94 -17.77 21.24
CA SER A 69 32.58 -18.34 21.21
C SER A 69 32.08 -18.71 22.61
N ILE A 70 33.00 -19.12 23.49
CA ILE A 70 32.72 -19.47 24.89
C ILE A 70 32.21 -18.29 25.71
N LEU A 71 32.93 -17.16 25.64
CA LEU A 71 32.52 -15.91 26.28
C LEU A 71 31.13 -15.48 25.81
N ASP A 72 30.87 -15.64 24.50
CA ASP A 72 29.60 -15.28 23.88
C ASP A 72 28.42 -16.06 24.43
N LYS A 73 28.66 -17.33 24.79
CA LYS A 73 27.63 -18.16 25.39
C LYS A 73 27.34 -17.74 26.82
N LEU A 74 28.39 -17.31 27.55
CA LEU A 74 28.27 -16.81 28.92
C LEU A 74 27.58 -15.44 29.01
N ILE A 75 28.03 -14.49 28.19
CA ILE A 75 27.49 -13.12 28.15
C ILE A 75 25.98 -13.11 27.87
N THR A 76 25.53 -14.06 27.05
CA THR A 76 24.14 -14.09 26.60
C THR A 76 23.24 -14.99 27.48
N ARG A 77 23.83 -15.72 28.41
CA ARG A 77 23.08 -16.73 29.18
C ARG A 77 23.36 -16.81 30.68
N LYS A 78 24.49 -16.30 31.14
CA LYS A 78 24.89 -16.43 32.54
C LYS A 78 25.60 -15.22 33.16
N TRP A 79 25.58 -14.08 32.46
CA TRP A 79 26.37 -12.90 32.84
C TRP A 79 25.91 -12.22 34.12
N LYS A 80 24.59 -12.05 34.25
CA LYS A 80 24.00 -11.37 35.41
C LYS A 80 24.01 -12.21 36.68
N LEU A 81 24.52 -13.43 36.58
CA LEU A 81 24.72 -14.30 37.75
C LEU A 81 26.08 -14.02 38.44
N LEU A 82 27.13 -13.84 37.63
CA LEU A 82 28.49 -13.52 38.12
C LEU A 82 28.47 -12.33 39.11
N PRO A 83 29.27 -12.41 40.20
CA PRO A 83 29.39 -11.24 41.10
C PRO A 83 30.14 -10.09 40.43
N ASN A 84 30.05 -8.89 40.99
CA ASN A 84 30.70 -7.71 40.42
C ASN A 84 32.20 -7.95 40.16
N ASP A 85 32.78 -8.82 40.98
CA ASP A 85 34.14 -9.33 40.85
C ASP A 85 34.48 -9.86 39.46
N HIS A 86 33.84 -10.96 39.07
CA HIS A 86 34.16 -11.63 37.81
C HIS A 86 33.77 -10.78 36.60
N ARG A 87 32.81 -9.88 36.80
CA ARG A 87 32.35 -9.00 35.73
C ARG A 87 33.32 -7.85 35.42
N ILE A 88 33.96 -7.28 36.45
CA ILE A 88 35.03 -6.28 36.23
C ILE A 88 36.25 -6.94 35.57
N GLY A 89 36.61 -8.13 36.07
CA GLY A 89 37.73 -8.91 35.54
C GLY A 89 37.59 -9.24 34.06
N ILE A 90 36.45 -9.82 33.69
CA ILE A 90 36.17 -10.22 32.30
C ILE A 90 36.21 -9.03 31.32
N ARG A 91 35.44 -7.98 31.62
CA ARG A 91 35.39 -6.75 30.80
C ARG A 91 36.78 -6.11 30.63
N ASN A 92 37.65 -6.28 31.62
CA ASN A 92 39.00 -5.73 31.55
C ASN A 92 39.95 -6.54 30.66
N PHE A 93 39.98 -7.86 30.84
CA PHE A 93 40.87 -8.68 30.03
C PHE A 93 40.46 -8.80 28.54
N VAL A 94 39.21 -8.46 28.22
CA VAL A 94 38.77 -8.41 26.82
C VAL A 94 39.12 -7.08 26.13
N VAL A 95 39.01 -5.98 26.88
CA VAL A 95 39.41 -4.65 26.41
C VAL A 95 40.93 -4.62 26.31
N GLY A 96 41.58 -5.36 27.21
CA GLY A 96 43.04 -5.50 27.19
C GLY A 96 43.55 -6.20 25.94
N MET A 97 43.09 -7.43 25.72
CA MET A 97 43.56 -8.28 24.60
C MET A 97 43.18 -7.77 23.19
N ILE A 98 42.04 -7.10 23.08
CA ILE A 98 41.69 -6.35 21.86
C ILE A 98 42.79 -5.34 21.53
N ILE A 99 43.15 -4.52 22.52
CA ILE A 99 44.23 -3.53 22.41
C ILE A 99 45.58 -4.13 21.95
N SER A 100 45.92 -5.31 22.47
CA SER A 100 47.18 -5.99 22.13
C SER A 100 47.26 -6.30 20.65
N MET A 101 46.20 -6.94 20.13
CA MET A 101 46.08 -7.27 18.71
C MET A 101 46.26 -6.07 17.78
N CYS A 102 45.63 -4.96 18.16
CA CYS A 102 45.61 -3.73 17.35
C CYS A 102 46.93 -2.94 17.34
N GLN A 103 47.73 -3.06 18.41
CA GLN A 103 49.05 -2.40 18.45
C GLN A 103 50.07 -3.07 17.54
N ASP A 104 49.94 -4.37 17.36
CA ASP A 104 50.72 -5.12 16.36
C ASP A 104 50.12 -4.88 14.98
N ASP A 105 50.92 -4.34 14.07
CA ASP A 105 50.49 -3.97 12.72
C ASP A 105 50.03 -5.15 11.87
N GLU A 106 50.77 -6.27 11.94
CA GLU A 106 50.50 -7.44 11.10
C GLU A 106 49.20 -8.13 11.51
N VAL A 107 48.98 -8.21 12.83
CA VAL A 107 47.71 -8.69 13.38
C VAL A 107 46.61 -7.69 13.01
N PHE A 108 46.91 -6.39 13.11
CA PHE A 108 45.94 -5.36 12.76
C PHE A 108 45.53 -5.47 11.29
N LYS A 109 46.51 -5.73 10.43
CA LYS A 109 46.30 -5.71 8.99
C LYS A 109 45.57 -6.95 8.46
N THR A 110 46.18 -8.13 8.62
CA THR A 110 45.68 -9.35 7.98
C THR A 110 44.79 -10.21 8.89
N GLN A 111 44.08 -9.56 9.82
CA GLN A 111 43.41 -10.28 10.88
C GLN A 111 42.11 -9.61 11.35
N LYS A 112 41.74 -8.51 10.68
CA LYS A 112 40.57 -7.71 11.04
C LYS A 112 39.31 -8.54 11.32
N ASN A 113 39.37 -9.81 10.93
CA ASN A 113 38.26 -10.73 11.10
C ASN A 113 38.09 -11.23 12.54
N LEU A 114 39.21 -11.39 13.25
CA LEU A 114 39.21 -11.77 14.68
C LEU A 114 39.04 -10.56 15.60
N ILE A 115 39.61 -9.42 15.20
CA ILE A 115 39.41 -8.14 15.89
C ILE A 115 37.92 -7.77 15.84
N ASN A 116 37.28 -8.12 14.73
CA ASN A 116 35.86 -7.91 14.54
C ASN A 116 34.95 -8.59 15.59
N LYS A 117 35.16 -9.88 15.85
CA LYS A 117 34.25 -10.62 16.74
C LYS A 117 34.60 -10.48 18.22
N SER A 118 35.79 -9.96 18.49
CA SER A 118 36.18 -9.50 19.82
C SER A 118 35.52 -8.15 20.14
N ASP A 119 35.34 -7.34 19.10
CA ASP A 119 34.56 -6.10 19.20
C ASP A 119 33.08 -6.43 19.48
N LEU A 120 32.51 -7.41 18.75
CA LEU A 120 31.15 -7.91 18.98
C LEU A 120 30.94 -8.45 20.40
N THR A 121 31.97 -9.11 20.93
CA THR A 121 31.96 -9.60 22.31
C THR A 121 31.90 -8.42 23.25
N LEU A 122 32.81 -7.44 23.03
CA LEU A 122 32.89 -6.24 23.89
C LEU A 122 31.55 -5.49 23.89
N VAL A 123 31.00 -5.29 22.71
CA VAL A 123 29.69 -4.69 22.59
C VAL A 123 28.65 -5.43 23.44
N GLN A 124 28.66 -6.76 23.40
CA GLN A 124 27.67 -7.52 24.17
C GLN A 124 27.81 -7.23 25.66
N ILE A 125 29.04 -6.94 26.09
CA ILE A 125 29.33 -6.59 27.49
C ILE A 125 28.76 -5.22 27.87
N LEU A 126 29.13 -4.19 27.10
CA LEU A 126 28.62 -2.82 27.29
C LEU A 126 27.08 -2.78 27.38
N LYS A 127 26.44 -3.60 26.56
CA LYS A 127 24.98 -3.68 26.51
C LYS A 127 24.46 -3.99 27.93
N GLN A 128 25.20 -4.83 28.66
CA GLN A 128 24.83 -5.28 30.01
C GLN A 128 25.39 -4.39 31.11
N GLU A 129 26.61 -3.91 30.91
CA GLU A 129 27.40 -3.25 31.95
C GLU A 129 27.31 -1.73 31.95
N TRP A 130 27.23 -1.15 30.76
CA TRP A 130 27.42 0.27 30.56
C TRP A 130 26.08 0.96 30.26
N PRO A 131 25.81 2.13 30.88
CA PRO A 131 26.65 2.93 31.80
C PRO A 131 26.60 2.59 33.31
N GLN A 132 25.49 2.03 33.81
CA GLN A 132 25.27 1.87 35.27
C GLN A 132 26.35 1.12 36.05
N ASN A 133 27.01 0.15 35.43
CA ASN A 133 28.05 -0.62 36.08
C ASN A 133 29.44 -0.49 35.45
N TRP A 134 29.61 0.50 34.58
CA TRP A 134 30.90 0.78 33.97
C TRP A 134 31.04 2.28 33.73
N PRO A 135 30.94 3.09 34.81
CA PRO A 135 30.82 4.56 34.68
C PRO A 135 32.02 5.21 33.98
N GLU A 136 33.11 4.47 33.82
CA GLU A 136 34.33 5.02 33.23
C GLU A 136 34.82 4.27 31.97
N PHE A 137 33.89 3.69 31.20
CA PHE A 137 34.29 3.05 29.95
C PHE A 137 34.84 4.06 28.93
N ILE A 138 34.13 5.17 28.75
CA ILE A 138 34.49 6.20 27.76
C ILE A 138 35.84 6.85 28.07
N PRO A 139 36.07 7.25 29.33
CA PRO A 139 37.43 7.68 29.67
C PRO A 139 38.51 6.63 29.30
N GLU A 140 38.23 5.34 29.53
CA GLU A 140 39.15 4.25 29.16
C GLU A 140 39.25 4.05 27.63
N LEU A 141 38.16 4.38 26.95
CA LEU A 141 38.17 4.50 25.52
C LEU A 141 39.14 5.64 25.10
N ILE A 142 38.85 6.89 25.49
CA ILE A 142 39.69 8.06 25.18
C ILE A 142 41.16 7.83 25.53
N GLY A 143 41.40 7.36 26.75
CA GLY A 143 42.75 7.13 27.26
C GLY A 143 43.54 6.24 26.31
N SER A 144 42.99 5.06 26.03
CA SER A 144 43.64 4.06 25.18
C SER A 144 43.73 4.49 23.70
N SER A 145 42.88 5.43 23.30
CA SER A 145 42.87 5.96 21.93
C SER A 145 44.03 6.89 21.57
N SER A 146 44.50 7.68 22.55
CA SER A 146 45.60 8.63 22.30
C SER A 146 46.97 7.93 22.33
N SER A 147 46.97 6.67 22.79
CA SER A 147 48.19 5.85 22.91
C SER A 147 48.59 5.12 21.62
N SER A 148 47.64 4.89 20.72
CA SER A 148 47.86 4.16 19.46
C SER A 148 46.82 4.49 18.39
N VAL A 149 47.31 4.79 17.19
CA VAL A 149 46.47 5.09 16.03
C VAL A 149 45.52 3.95 15.66
N ASN A 150 46.03 2.71 15.67
CA ASN A 150 45.23 1.53 15.32
C ASN A 150 44.20 1.21 16.39
N VAL A 151 44.58 1.44 17.66
CA VAL A 151 43.65 1.27 18.78
C VAL A 151 42.53 2.32 18.64
N CYS A 152 42.92 3.56 18.34
CA CYS A 152 41.96 4.64 18.16
C CYS A 152 40.89 4.32 17.11
N GLU A 153 41.34 3.86 15.93
CA GLU A 153 40.45 3.47 14.83
C GLU A 153 39.51 2.31 15.19
N ASN A 154 40.08 1.22 15.72
CA ASN A 154 39.26 0.12 16.22
C ASN A 154 38.27 0.55 17.31
N ASN A 155 38.69 1.49 18.17
CA ASN A 155 37.80 2.12 19.16
C ASN A 155 36.64 2.87 18.49
N MET A 156 36.92 3.51 17.35
CA MET A 156 35.86 4.14 16.56
C MET A 156 34.85 3.09 16.04
N ILE A 157 35.38 1.96 15.57
CA ILE A 157 34.56 0.84 15.12
C ILE A 157 33.71 0.29 16.27
N VAL A 158 34.30 0.27 17.46
CA VAL A 158 33.58 -0.14 18.67
C VAL A 158 32.38 0.78 18.96
N LEU A 159 32.65 2.08 19.08
CA LEU A 159 31.60 3.10 19.20
C LEU A 159 30.45 2.88 18.21
N LYS A 160 30.82 2.64 16.95
CA LYS A 160 29.86 2.41 15.87
C LYS A 160 28.99 1.18 16.12
N LEU A 161 29.65 0.06 16.40
CA LEU A 161 28.95 -1.21 16.62
C LEU A 161 28.02 -1.12 17.85
N LEU A 162 28.53 -0.46 18.90
CA LEU A 162 27.76 -0.17 20.10
C LEU A 162 26.49 0.62 19.78
N SER A 163 26.62 1.73 19.06
CA SER A 163 25.42 2.49 18.70
C SER A 163 24.48 1.66 17.81
N GLU A 164 25.05 0.75 17.02
CA GLU A 164 24.27 -0.13 16.15
C GLU A 164 23.48 -1.17 16.94
N GLU A 165 24.00 -1.49 18.13
CA GLU A 165 23.40 -2.47 19.00
C GLU A 165 22.40 -1.86 20.01
N VAL A 166 22.79 -0.77 20.66
CA VAL A 166 22.03 -0.21 21.78
C VAL A 166 21.37 1.16 21.50
N PHE A 167 21.85 1.90 20.49
CA PHE A 167 21.32 3.25 20.24
C PHE A 167 20.48 3.43 18.99
N ASP A 168 21.07 3.21 17.82
CA ASP A 168 20.31 3.33 16.59
C ASP A 168 19.83 1.96 16.14
N PHE A 169 19.53 1.09 17.11
CA PHE A 169 18.85 -0.17 16.83
C PHE A 169 17.67 0.27 15.96
N SER A 170 16.89 1.22 16.47
CA SER A 170 15.98 2.04 15.65
C SER A 170 16.29 3.52 15.86
N ALA A 171 15.91 4.33 14.87
CA ALA A 171 16.28 5.73 14.86
C ALA A 171 15.16 6.72 14.56
N GLU A 172 14.55 6.61 13.38
CA GLU A 172 13.53 7.55 12.91
C GLU A 172 12.52 7.89 13.99
N GLN A 173 11.95 6.86 14.62
CA GLN A 173 10.96 7.03 15.68
C GLN A 173 11.61 7.38 17.02
N MET A 174 12.64 8.23 16.95
CA MET A 174 13.29 8.78 18.15
C MET A 174 12.55 10.04 18.59
N THR A 175 11.43 10.29 17.92
CA THR A 175 10.58 11.44 18.20
C THR A 175 9.75 11.19 19.45
N GLN A 176 10.24 10.30 20.32
CA GLN A 176 9.46 9.85 21.47
C GLN A 176 10.23 9.77 22.79
N ALA A 177 9.50 9.60 23.89
CA ALA A 177 9.99 9.79 25.26
C ALA A 177 11.11 8.84 25.72
N LYS A 178 11.09 7.62 25.20
CA LYS A 178 12.07 6.59 25.59
C LYS A 178 13.52 6.92 25.15
N ALA A 179 13.68 7.39 23.91
CA ALA A 179 15.02 7.76 23.43
C ALA A 179 15.46 9.12 23.98
N LEU A 180 14.52 10.03 24.19
CA LEU A 180 14.75 11.32 24.84
C LEU A 180 15.33 11.13 26.25
N HIS A 181 14.90 10.04 26.89
CA HIS A 181 15.46 9.60 28.16
C HIS A 181 16.95 9.30 27.99
N LEU A 182 17.29 8.39 27.08
CA LEU A 182 18.68 8.02 26.88
C LEU A 182 19.55 9.21 26.49
N LYS A 183 19.03 10.13 25.67
CA LYS A 183 19.85 11.22 25.11
C LYS A 183 20.42 12.15 26.17
N ASN A 184 19.54 12.85 26.88
CA ASN A 184 19.99 13.89 27.79
C ASN A 184 20.39 13.36 29.18
N SER A 185 20.10 12.09 29.47
CA SER A 185 20.60 11.47 30.70
C SER A 185 22.02 10.94 30.53
N MET A 186 22.32 10.42 29.33
CA MET A 186 23.67 9.98 28.98
C MET A 186 24.46 11.06 28.26
N SER A 187 23.99 12.31 28.39
CA SER A 187 24.55 13.47 27.71
C SER A 187 26.04 13.60 27.93
N LYS A 188 26.45 13.48 29.19
CA LYS A 188 27.85 13.63 29.58
C LYS A 188 28.79 12.82 28.70
N GLU A 189 28.43 11.59 28.34
CA GLU A 189 29.32 10.82 27.46
C GLU A 189 28.99 10.80 25.96
N PHE A 190 27.87 11.38 25.53
CA PHE A 190 27.75 11.74 24.11
C PHE A 190 28.60 12.98 23.90
N GLU A 191 28.78 13.75 24.98
CA GLU A 191 29.66 14.92 24.98
C GLU A 191 31.10 14.46 24.80
N GLN A 192 31.41 13.32 25.40
CA GLN A 192 32.76 12.74 25.36
C GLN A 192 33.06 12.06 24.03
N ILE A 193 32.10 11.26 23.55
CA ILE A 193 32.19 10.66 22.22
C ILE A 193 32.39 11.74 21.12
N PHE A 194 31.56 12.79 21.14
CA PHE A 194 31.76 13.93 20.24
C PHE A 194 33.14 14.56 20.36
N LYS A 195 33.56 14.83 21.59
CA LYS A 195 34.83 15.49 21.85
C LYS A 195 36.00 14.66 21.33
N LEU A 196 35.88 13.34 21.48
CA LEU A 196 36.87 12.39 20.93
C LEU A 196 36.89 12.43 19.40
N CYS A 197 35.71 12.36 18.79
CA CYS A 197 35.61 12.45 17.33
C CYS A 197 36.16 13.76 16.80
N PHE A 198 35.75 14.87 17.41
CA PHE A 198 36.20 16.20 17.00
C PHE A 198 37.71 16.39 17.13
N GLN A 199 38.27 15.94 18.25
CA GLN A 199 39.72 16.05 18.47
C GLN A 199 40.48 15.17 17.46
N VAL A 200 39.92 14.00 17.15
CA VAL A 200 40.52 13.12 16.15
C VAL A 200 40.44 13.71 14.74
N LEU A 201 39.42 14.51 14.48
CA LEU A 201 39.27 15.10 13.15
C LEU A 201 40.20 16.31 12.93
N GLU A 202 40.56 16.96 14.03
CA GLU A 202 41.44 18.13 13.97
C GLU A 202 42.90 17.76 13.84
N GLN A 203 43.27 16.64 14.44
CA GLN A 203 44.68 16.22 14.43
C GLN A 203 44.85 14.76 13.99
N GLY A 204 43.91 14.27 13.18
CA GLY A 204 43.99 12.91 12.64
C GLY A 204 44.72 12.82 11.31
N SER A 205 45.33 11.67 11.06
CA SER A 205 46.22 11.52 9.91
C SER A 205 45.75 10.43 8.95
N SER A 206 45.46 9.26 9.51
CA SER A 206 45.11 8.05 8.76
C SER A 206 43.77 8.19 8.02
N SER A 207 43.77 7.85 6.73
CA SER A 207 42.54 7.86 5.95
C SER A 207 41.51 6.96 6.63
N SER A 208 41.91 5.71 6.89
CA SER A 208 41.00 4.70 7.44
C SER A 208 40.55 5.05 8.86
N LEU A 209 41.38 5.78 9.58
CA LEU A 209 41.05 6.26 10.90
C LEU A 209 39.98 7.32 10.81
N ILE A 210 40.23 8.33 9.97
CA ILE A 210 39.29 9.43 9.79
C ILE A 210 37.93 8.92 9.28
N VAL A 211 37.96 8.02 8.30
CA VAL A 211 36.78 7.32 7.81
C VAL A 211 36.03 6.66 8.96
N ALA A 212 36.75 5.90 9.80
CA ALA A 212 36.12 5.25 10.93
C ALA A 212 35.52 6.28 11.89
N THR A 213 36.24 7.40 12.10
CA THR A 213 35.75 8.51 12.96
C THR A 213 34.46 9.14 12.42
N LEU A 214 34.45 9.43 11.11
CA LEU A 214 33.27 10.01 10.50
C LEU A 214 32.07 9.05 10.50
N GLU A 215 32.34 7.75 10.31
CA GLU A 215 31.29 6.75 10.40
C GLU A 215 30.65 6.73 11.78
N SER A 216 31.45 6.85 12.84
CA SER A 216 30.82 6.83 14.14
C SER A 216 30.16 8.19 14.45
N LEU A 217 30.72 9.26 13.91
CA LEU A 217 30.13 10.59 14.09
C LEU A 217 28.69 10.55 13.62
N LEU A 218 28.51 10.08 12.39
CA LEU A 218 27.19 9.96 11.77
C LEU A 218 26.27 9.19 12.69
N ARG A 219 26.75 8.09 13.22
CA ARG A 219 25.97 7.28 14.14
C ARG A 219 25.57 8.04 15.41
N TYR A 220 26.35 9.03 15.81
CA TYR A 220 26.09 9.70 17.08
C TYR A 220 25.48 11.08 17.01
N LEU A 221 25.37 11.62 15.79
CA LEU A 221 24.95 13.02 15.64
C LEU A 221 23.62 13.35 16.37
N HIS A 222 22.68 12.41 16.34
CA HIS A 222 21.40 12.63 17.02
C HIS A 222 21.45 12.65 18.55
N TRP A 223 22.54 12.18 19.12
CA TRP A 223 22.65 12.05 20.58
C TRP A 223 23.38 13.20 21.25
N ILE A 224 24.17 13.92 20.45
CA ILE A 224 25.10 14.90 20.95
C ILE A 224 24.42 16.24 21.21
N PRO A 225 24.57 16.79 22.44
CA PRO A 225 23.93 18.08 22.69
C PRO A 225 24.21 19.01 21.51
N TYR A 226 23.15 19.49 20.89
CA TYR A 226 23.24 20.25 19.64
C TYR A 226 24.21 21.42 19.76
N ARG A 227 24.40 21.91 20.98
CA ARG A 227 25.38 22.95 21.29
C ARG A 227 26.75 22.60 20.68
N TYR A 228 27.16 21.35 20.86
CA TYR A 228 28.48 20.86 20.43
C TYR A 228 28.69 20.78 18.91
N ILE A 229 27.60 20.68 18.14
CA ILE A 229 27.71 20.64 16.67
C ILE A 229 27.95 22.06 16.13
N TYR A 230 27.33 23.05 16.79
CA TYR A 230 27.24 24.43 16.28
C TYR A 230 28.22 25.46 16.84
N GLU A 231 28.69 25.26 18.07
CA GLU A 231 29.61 26.19 18.71
C GLU A 231 31.05 25.73 18.51
N THR A 232 31.20 24.46 18.12
CA THR A 232 32.48 23.93 17.66
C THR A 232 32.67 24.39 16.22
N ASN A 233 33.85 24.15 15.64
CA ASN A 233 34.02 24.43 14.22
C ASN A 233 33.95 23.17 13.35
N ILE A 234 33.30 22.13 13.91
CA ILE A 234 33.12 20.84 13.25
C ILE A 234 32.41 20.96 11.88
N LEU A 235 31.44 21.87 11.78
CA LEU A 235 30.66 22.03 10.57
C LEU A 235 31.50 22.63 9.45
N GLU A 236 32.36 23.59 9.81
CA GLU A 236 33.38 24.14 8.91
C GLU A 236 34.35 23.06 8.48
N LEU A 237 34.75 22.21 9.44
CA LEU A 237 35.70 21.13 9.20
C LEU A 237 35.15 20.15 8.16
N LEU A 238 33.98 19.60 8.45
CA LEU A 238 33.31 18.69 7.55
C LEU A 238 33.17 19.30 6.15
N SER A 239 32.58 20.49 6.09
CA SER A 239 32.16 21.10 4.85
C SER A 239 33.30 21.65 3.99
N THR A 240 34.53 21.54 4.50
CA THR A 240 35.70 21.94 3.74
C THR A 240 36.69 20.80 3.54
N LYS A 241 37.53 20.57 4.54
CA LYS A 241 38.64 19.62 4.44
C LYS A 241 38.16 18.20 4.07
N PHE A 242 37.13 17.74 4.74
CA PHE A 242 36.66 16.39 4.51
C PHE A 242 35.78 16.22 3.28
N MET A 243 35.30 17.33 2.73
CA MET A 243 34.72 17.29 1.38
C MET A 243 35.81 17.29 0.30
N THR A 244 36.97 17.88 0.61
CA THR A 244 38.04 17.99 -0.37
C THR A 244 38.65 16.64 -0.66
N SER A 245 38.92 15.90 0.43
CA SER A 245 39.49 14.57 0.35
C SER A 245 38.46 13.57 -0.19
N PRO A 246 38.77 12.92 -1.34
CA PRO A 246 37.80 12.02 -1.99
C PRO A 246 37.49 10.78 -1.15
N ASP A 247 38.47 10.35 -0.34
CA ASP A 247 38.28 9.25 0.59
C ASP A 247 37.23 9.52 1.69
N THR A 248 37.02 10.78 2.05
CA THR A 248 36.12 11.17 3.14
C THR A 248 34.82 11.75 2.65
N ARG A 249 34.76 12.00 1.36
CA ARG A 249 33.67 12.74 0.76
C ARG A 249 32.29 12.12 1.03
N ALA A 250 32.18 10.83 0.77
CA ALA A 250 30.86 10.17 0.81
C ALA A 250 30.26 10.27 2.22
N ILE A 251 31.08 9.87 3.19
CA ILE A 251 30.62 9.82 4.57
C ILE A 251 30.38 11.23 5.17
N THR A 252 31.15 12.22 4.72
CA THR A 252 30.99 13.61 5.19
C THR A 252 29.67 14.18 4.75
N LEU A 253 29.31 13.87 3.50
CA LEU A 253 28.05 14.33 2.94
C LEU A 253 26.87 13.73 3.71
N LYS A 254 26.94 12.43 3.98
CA LYS A 254 25.95 11.74 4.83
C LYS A 254 25.84 12.40 6.21
N CYS A 255 26.98 12.78 6.79
CA CYS A 255 27.01 13.43 8.10
C CYS A 255 26.27 14.76 8.07
N LEU A 256 26.50 15.52 7.00
CA LEU A 256 25.96 16.87 6.86
C LEU A 256 24.49 16.77 6.52
N THR A 257 24.13 15.77 5.74
CA THR A 257 22.73 15.48 5.52
C THR A 257 22.07 15.31 6.89
N GLU A 258 22.73 14.51 7.73
CA GLU A 258 22.13 14.16 9.03
C GLU A 258 21.94 15.38 9.95
N VAL A 259 22.88 16.31 9.88
CA VAL A 259 22.79 17.58 10.60
C VAL A 259 21.52 18.35 10.25
N SER A 260 21.16 18.37 8.97
CA SER A 260 19.91 19.00 8.51
C SER A 260 18.65 18.26 9.04
N ASN A 261 18.84 17.20 9.82
CA ASN A 261 17.73 16.48 10.46
C ASN A 261 17.67 16.56 12.01
N LEU A 262 18.43 17.46 12.63
CA LEU A 262 18.47 17.56 14.10
C LEU A 262 17.38 18.47 14.67
N LYS A 263 17.25 18.51 16.01
CA LYS A 263 16.33 19.43 16.68
C LYS A 263 17.02 20.77 17.00
N ILE A 264 16.60 21.84 16.34
CA ILE A 264 17.31 23.13 16.42
C ILE A 264 16.68 24.14 17.46
N ILE A 271 23.47 30.04 14.96
CA ILE A 271 22.99 28.73 14.53
C ILE A 271 22.46 28.84 13.11
N LYS A 272 21.62 29.87 12.80
CA LYS A 272 21.11 30.24 11.50
C LYS A 272 22.28 30.54 10.58
N ARG A 273 23.27 31.23 11.13
CA ARG A 273 24.46 31.62 10.38
C ARG A 273 25.30 30.42 9.98
N GLN A 274 25.44 29.45 10.90
CA GLN A 274 26.25 28.23 10.67
C GLN A 274 25.64 27.28 9.63
N THR A 275 24.32 27.24 9.56
CA THR A 275 23.65 26.31 8.67
C THR A 275 23.86 26.80 7.24
N VAL A 276 23.65 28.10 7.01
CA VAL A 276 24.08 28.77 5.77
C VAL A 276 25.55 28.51 5.44
N LEU A 277 26.41 28.70 6.43
CA LEU A 277 27.84 28.62 6.18
C LEU A 277 28.29 27.24 5.69
N PHE A 278 27.91 26.18 6.39
CA PHE A 278 28.32 24.84 5.94
C PHE A 278 27.75 24.44 4.54
N PHE A 279 26.62 25.04 4.18
CA PHE A 279 25.99 24.73 2.89
C PHE A 279 26.83 25.42 1.84
N GLN A 280 27.15 26.69 2.08
CA GLN A 280 28.05 27.47 1.23
C GLN A 280 29.33 26.69 0.95
N ASN A 281 29.99 26.20 1.99
CA ASN A 281 31.25 25.50 1.86
C ASN A 281 31.17 24.23 1.04
N THR A 282 30.13 23.45 1.34
CA THR A 282 29.89 22.16 0.75
C THR A 282 29.65 22.32 -0.75
N LEU A 283 28.78 23.26 -1.12
CA LEU A 283 28.58 23.57 -2.55
C LEU A 283 29.83 24.06 -3.26
N GLN A 284 30.62 24.87 -2.54
CA GLN A 284 31.86 25.35 -3.14
C GLN A 284 32.81 24.18 -3.38
N GLN A 285 32.90 23.28 -2.43
CA GLN A 285 33.83 22.16 -2.52
C GLN A 285 33.44 21.15 -3.58
N ILE A 286 32.13 20.87 -3.73
CA ILE A 286 31.64 20.08 -4.85
C ILE A 286 32.03 20.72 -6.19
N ALA A 287 31.76 22.02 -6.37
CA ALA A 287 32.11 22.69 -7.64
C ALA A 287 33.60 22.56 -7.88
N THR A 288 34.39 22.83 -6.84
CA THR A 288 35.86 22.81 -6.89
C THR A 288 36.50 21.43 -7.03
N SER A 289 36.04 20.47 -6.25
CA SER A 289 36.73 19.19 -6.10
C SER A 289 36.09 18.06 -6.85
N VAL A 290 34.80 18.19 -7.18
CA VAL A 290 34.07 17.05 -7.75
C VAL A 290 33.63 17.30 -9.16
N MET A 291 32.73 18.26 -9.35
CA MET A 291 32.20 18.60 -10.68
C MET A 291 31.46 19.93 -10.64
N PRO A 292 31.54 20.70 -11.75
CA PRO A 292 30.84 21.96 -11.83
C PRO A 292 29.35 21.71 -12.03
N VAL A 293 28.57 22.74 -11.76
CA VAL A 293 27.12 22.73 -11.81
C VAL A 293 26.67 22.40 -13.24
N THR A 294 27.56 22.69 -14.21
CA THR A 294 27.27 22.50 -15.61
C THR A 294 27.46 21.05 -16.04
N ALA A 295 28.06 20.21 -15.18
CA ALA A 295 28.35 18.80 -15.56
C ALA A 295 27.09 18.01 -15.96
N ASP A 296 27.23 17.18 -17.00
CA ASP A 296 26.16 16.32 -17.45
C ASP A 296 26.14 15.16 -16.50
N LEU A 297 25.27 15.21 -15.49
CA LEU A 297 25.21 14.13 -14.49
C LEU A 297 24.53 12.88 -14.98
N LYS A 298 23.57 13.01 -15.90
CA LYS A 298 22.96 11.84 -16.54
C LYS A 298 24.02 10.94 -17.17
N ALA A 299 24.86 11.52 -18.06
CA ALA A 299 26.07 10.87 -18.61
C ALA A 299 27.05 10.40 -17.52
N THR A 300 27.40 11.27 -16.59
CA THR A 300 28.37 10.85 -15.59
C THR A 300 27.86 9.62 -14.86
N TYR A 301 26.64 9.72 -14.35
CA TYR A 301 26.05 8.61 -13.64
C TYR A 301 26.09 7.29 -14.45
N ALA A 302 25.52 7.30 -15.65
CA ALA A 302 25.52 6.14 -16.57
C ALA A 302 26.87 5.46 -16.73
N ASN A 303 27.95 6.24 -16.75
CA ASN A 303 29.30 5.70 -16.94
C ASN A 303 30.11 5.52 -15.68
N ALA A 304 29.52 5.88 -14.53
CA ALA A 304 30.27 5.84 -13.28
C ALA A 304 30.32 4.44 -12.70
N ASN A 305 31.32 4.23 -11.85
CA ASN A 305 31.35 3.02 -11.03
C ASN A 305 30.33 3.12 -9.89
N GLY A 306 30.27 2.08 -9.06
CA GLY A 306 29.42 2.01 -7.87
C GLY A 306 29.60 3.16 -6.89
N ASN A 307 30.86 3.49 -6.57
CA ASN A 307 31.15 4.60 -5.62
C ASN A 307 30.66 5.95 -6.10
N ASP A 308 30.89 6.27 -7.37
CA ASP A 308 30.49 7.58 -7.88
C ASP A 308 28.97 7.69 -8.07
N GLN A 309 28.32 6.58 -8.40
CA GLN A 309 26.87 6.55 -8.42
C GLN A 309 26.34 6.82 -7.02
N SER A 310 26.92 6.11 -6.04
CA SER A 310 26.47 6.24 -4.65
C SER A 310 26.68 7.68 -4.18
N PHE A 311 27.79 8.27 -4.61
CA PHE A 311 28.03 9.68 -4.26
C PHE A 311 26.96 10.65 -4.81
N LEU A 312 26.61 10.50 -6.08
CA LEU A 312 25.53 11.29 -6.69
C LEU A 312 24.19 11.10 -5.98
N GLN A 313 23.86 9.86 -5.60
CA GLN A 313 22.67 9.65 -4.75
C GLN A 313 22.77 10.43 -3.42
N ASP A 314 23.95 10.38 -2.79
CA ASP A 314 24.14 11.08 -1.51
C ASP A 314 24.02 12.59 -1.65
N LEU A 315 24.50 13.11 -2.78
CA LEU A 315 24.35 14.52 -3.07
C LEU A 315 22.90 14.93 -3.26
N ALA A 316 22.15 14.13 -4.01
CA ALA A 316 20.72 14.40 -4.15
C ALA A 316 20.04 14.42 -2.76
N MET A 317 20.36 13.43 -1.94
CA MET A 317 19.81 13.38 -0.60
C MET A 317 20.21 14.63 0.25
N PHE A 318 21.47 15.01 0.18
CA PHE A 318 21.91 16.18 0.90
C PHE A 318 21.19 17.44 0.45
N LEU A 319 21.13 17.69 -0.85
CA LEU A 319 20.49 18.92 -1.32
C LEU A 319 19.01 18.96 -0.96
N THR A 320 18.29 17.85 -1.21
CA THR A 320 16.84 17.85 -1.00
C THR A 320 16.51 18.04 0.51
N THR A 321 17.20 17.29 1.36
CA THR A 321 16.91 17.41 2.80
C THR A 321 17.29 18.81 3.34
N TYR A 322 18.44 19.36 2.95
CA TYR A 322 18.82 20.69 3.43
C TYR A 322 17.81 21.72 2.93
N LEU A 323 17.51 21.68 1.62
CA LEU A 323 16.63 22.68 1.04
C LEU A 323 15.21 22.56 1.49
N ALA A 324 14.73 21.36 1.79
CA ALA A 324 13.34 21.28 2.27
C ALA A 324 13.19 22.08 3.59
N ARG A 325 14.25 22.06 4.41
CA ARG A 325 14.23 22.63 5.76
C ARG A 325 14.63 24.07 5.75
N ASN A 326 15.65 24.40 4.96
CA ASN A 326 16.31 25.71 5.06
C ASN A 326 16.09 26.68 3.91
N ARG A 327 15.22 26.31 3.00
CA ARG A 327 14.98 27.10 1.80
C ARG A 327 14.62 28.56 2.15
N ALA A 328 13.68 28.72 3.09
CA ALA A 328 13.21 30.05 3.50
C ALA A 328 14.36 30.93 4.03
N LEU A 329 15.29 30.33 4.79
CA LEU A 329 16.52 31.01 5.22
C LEU A 329 17.27 31.61 4.04
N LEU A 330 17.43 30.83 2.98
CA LEU A 330 18.20 31.28 1.82
C LEU A 330 17.42 32.26 0.97
N GLU A 331 16.10 32.23 1.07
CA GLU A 331 15.27 33.14 0.27
C GLU A 331 15.26 34.57 0.80
N SER A 332 15.31 34.70 2.13
CA SER A 332 15.20 35.99 2.82
C SER A 332 16.38 36.94 2.53
N ASP A 333 17.60 36.49 2.82
CA ASP A 333 18.82 37.24 2.52
C ASP A 333 19.12 37.22 1.01
N GLU A 334 18.79 38.31 0.32
CA GLU A 334 19.03 38.44 -1.13
C GLU A 334 20.52 38.55 -1.48
N SER A 335 21.35 37.88 -0.69
CA SER A 335 22.80 37.87 -0.87
C SER A 335 23.25 36.45 -1.18
N LEU A 336 22.42 35.48 -0.81
CA LEU A 336 22.69 34.08 -1.04
C LEU A 336 21.87 33.54 -2.22
N ARG A 337 21.25 34.43 -2.98
CA ARG A 337 20.44 34.00 -4.12
C ARG A 337 21.21 33.06 -5.05
N GLU A 338 22.42 33.43 -5.43
CA GLU A 338 23.22 32.59 -6.31
C GLU A 338 23.42 31.19 -5.74
N LEU A 339 23.70 31.10 -4.46
CA LEU A 339 23.91 29.81 -3.83
C LEU A 339 22.61 28.99 -3.87
N LEU A 340 21.50 29.68 -3.66
CA LEU A 340 20.16 29.12 -3.72
C LEU A 340 19.84 28.49 -5.09
N LEU A 341 20.03 29.29 -6.14
CA LEU A 341 19.83 28.85 -7.50
C LEU A 341 20.83 27.77 -7.93
N ASN A 342 22.05 27.94 -7.51
CA ASN A 342 23.08 26.95 -7.74
C ASN A 342 22.80 25.51 -7.22
N ALA A 343 22.38 25.41 -5.97
CA ALA A 343 21.97 24.18 -5.35
C ALA A 343 20.76 23.59 -6.08
N HIS A 344 19.82 24.42 -6.50
CA HIS A 344 18.72 23.93 -7.32
C HIS A 344 19.18 23.53 -8.73
N GLN A 345 20.14 24.26 -9.28
CA GLN A 345 20.69 23.88 -10.60
C GLN A 345 21.36 22.50 -10.48
N TYR A 346 22.12 22.27 -9.41
CA TYR A 346 22.62 20.90 -9.20
C TYR A 346 21.52 19.85 -9.21
N LEU A 347 20.41 20.16 -8.57
CA LEU A 347 19.30 19.18 -8.47
C LEU A 347 18.59 18.95 -9.83
N ILE A 348 18.48 20.01 -10.64
CA ILE A 348 17.98 19.88 -12.00
C ILE A 348 18.88 18.88 -12.72
N GLN A 349 20.19 19.00 -12.55
CA GLN A 349 21.09 18.07 -13.25
C GLN A 349 20.93 16.66 -12.75
N LEU A 350 20.84 16.50 -11.44
CA LEU A 350 20.62 15.19 -10.83
C LEU A 350 19.30 14.62 -11.27
N SER A 351 18.30 15.48 -11.50
CA SER A 351 16.97 14.99 -11.82
C SER A 351 16.97 14.39 -13.23
N LYS A 352 18.06 14.52 -13.98
CA LYS A 352 18.08 13.94 -15.34
C LYS A 352 18.67 12.54 -15.36
N ILE A 353 19.19 12.11 -14.24
CA ILE A 353 19.81 10.82 -14.15
C ILE A 353 18.71 9.77 -14.29
N GLU A 354 18.99 8.74 -15.09
CA GLU A 354 18.03 7.67 -15.30
C GLU A 354 18.24 6.60 -14.23
N GLU A 355 17.62 6.78 -13.08
CA GLU A 355 17.73 5.83 -11.99
C GLU A 355 16.60 6.11 -11.03
N ARG A 356 15.74 5.11 -10.90
CA ARG A 356 14.49 5.17 -10.17
C ARG A 356 14.52 5.90 -8.81
N GLU A 357 15.44 5.48 -7.93
CA GLU A 357 15.54 6.03 -6.55
C GLU A 357 16.11 7.41 -6.52
N LEU A 358 17.10 7.67 -7.37
CA LEU A 358 17.59 9.02 -7.44
C LEU A 358 16.44 9.92 -7.98
N PHE A 359 15.74 9.45 -9.02
CA PHE A 359 14.65 10.23 -9.57
C PHE A 359 13.56 10.54 -8.52
N LYS A 360 13.07 9.50 -7.81
CA LYS A 360 12.09 9.69 -6.72
C LYS A 360 12.56 10.67 -5.62
N THR A 361 13.84 10.59 -5.27
CA THR A 361 14.43 11.50 -4.32
C THR A 361 14.33 12.92 -4.84
N THR A 362 14.63 13.17 -6.11
CA THR A 362 14.52 14.55 -6.55
C THR A 362 13.06 14.98 -6.65
N LEU A 363 12.24 14.05 -7.09
CA LEU A 363 10.86 14.38 -7.41
C LEU A 363 10.11 14.76 -6.13
N ASP A 364 10.37 14.00 -5.06
CA ASP A 364 9.75 14.32 -3.76
C ASP A 364 10.06 15.75 -3.38
N TYR A 365 11.29 16.19 -3.63
CA TYR A 365 11.65 17.58 -3.38
C TYR A 365 10.97 18.61 -4.31
N TRP A 366 10.98 18.37 -5.62
CA TRP A 366 10.26 19.27 -6.48
C TRP A 366 8.81 19.38 -6.16
N HIS A 367 8.19 18.25 -5.74
CA HIS A 367 6.77 18.27 -5.40
C HIS A 367 6.57 19.33 -4.25
N ASN A 368 7.38 19.24 -3.20
CA ASN A 368 7.45 20.26 -2.07
C ASN A 368 7.63 21.69 -2.60
N LEU A 369 8.65 21.91 -3.44
CA LEU A 369 8.90 23.25 -3.99
C LEU A 369 7.70 23.80 -4.78
N VAL A 370 7.23 23.03 -5.76
CA VAL A 370 6.22 23.62 -6.65
C VAL A 370 4.84 23.76 -6.02
N ALA A 371 4.49 22.81 -5.12
CA ALA A 371 3.26 22.99 -4.32
C ALA A 371 3.38 24.29 -3.50
N ASP A 372 4.51 24.47 -2.84
CA ASP A 372 4.76 25.75 -2.10
C ASP A 372 4.62 27.00 -3.01
N LEU A 373 5.29 27.03 -4.17
CA LEU A 373 5.16 28.16 -5.09
C LEU A 373 3.73 28.43 -5.57
N PHE A 374 2.98 27.35 -5.79
CA PHE A 374 1.62 27.53 -6.24
C PHE A 374 0.79 28.22 -5.15
N TYR A 375 0.96 27.80 -3.90
CA TYR A 375 0.21 28.38 -2.79
C TYR A 375 0.74 29.74 -2.37
N GLU A 376 2.00 30.00 -2.68
CA GLU A 376 2.65 31.25 -2.34
C GLU A 376 3.27 31.94 -3.53
N PRO A 377 2.61 32.51 -4.53
CA PRO A 377 3.08 32.83 -5.89
C PRO A 377 4.03 34.01 -5.97
N LEU A 378 4.22 34.73 -4.86
CA LEU A 378 5.13 35.85 -4.83
C LEU A 378 6.56 35.37 -4.80
N LYS A 379 6.77 34.13 -4.36
CA LYS A 379 8.08 33.47 -4.38
C LYS A 379 8.49 33.03 -5.80
N LYS A 380 7.52 32.93 -6.73
CA LYS A 380 7.74 32.14 -7.95
C LYS A 380 8.75 32.72 -8.94
N HIS A 381 8.69 34.04 -9.12
CA HIS A 381 9.73 34.78 -9.86
C HIS A 381 11.17 34.28 -9.53
N ILE A 382 11.49 34.06 -8.25
CA ILE A 382 12.81 33.50 -7.86
C ILE A 382 13.24 32.26 -8.66
N TYR A 383 12.31 31.32 -8.81
CA TYR A 383 12.59 30.03 -9.37
C TYR A 383 12.08 29.87 -10.81
N GLU A 384 11.85 30.97 -11.47
CA GLU A 384 11.24 30.88 -12.75
C GLU A 384 12.06 30.06 -13.77
N GLU A 385 13.36 30.29 -13.82
CA GLU A 385 14.28 29.54 -14.70
C GLU A 385 14.47 28.06 -14.28
N ILE A 386 14.54 27.84 -12.97
CA ILE A 386 14.52 26.50 -12.44
C ILE A 386 13.21 25.75 -12.81
N CYS A 387 12.07 26.42 -12.69
CA CYS A 387 10.77 25.79 -13.04
C CYS A 387 10.66 25.52 -14.56
N SER A 388 11.31 26.37 -15.33
CA SER A 388 11.29 26.22 -16.77
C SER A 388 12.09 24.98 -17.15
N GLN A 389 13.29 24.83 -16.61
CA GLN A 389 14.07 23.61 -16.86
C GLN A 389 13.36 22.38 -16.36
N LEU A 390 12.70 22.51 -15.22
CA LEU A 390 12.04 21.37 -14.58
C LEU A 390 10.87 20.86 -15.43
N ARG A 391 10.05 21.76 -16.02
CA ARG A 391 8.97 21.34 -16.95
C ARG A 391 9.54 20.41 -17.98
N LEU A 392 10.70 20.79 -18.51
CA LEU A 392 11.30 20.02 -19.57
C LEU A 392 11.74 18.70 -19.04
N VAL A 393 12.35 18.67 -17.85
CA VAL A 393 12.82 17.39 -17.33
C VAL A 393 11.61 16.46 -17.13
N ILE A 394 10.51 17.00 -16.63
CA ILE A 394 9.38 16.13 -16.29
C ILE A 394 8.70 15.68 -17.59
N ILE A 395 8.50 16.61 -18.52
CA ILE A 395 7.82 16.26 -19.78
C ILE A 395 8.61 15.21 -20.51
N GLU A 396 9.94 15.25 -20.36
CA GLU A 396 10.76 14.28 -21.07
C GLU A 396 10.97 13.01 -20.31
N ASN A 397 10.49 12.92 -19.07
CA ASN A 397 10.79 11.73 -18.28
C ASN A 397 9.52 11.28 -17.55
N MET A 398 8.41 11.22 -18.29
CA MET A 398 7.15 10.77 -17.68
C MET A 398 7.16 9.28 -17.44
N VAL A 399 6.70 8.90 -16.27
CA VAL A 399 6.34 7.54 -15.98
C VAL A 399 5.05 7.15 -16.76
N ARG A 400 4.96 5.89 -17.18
CA ARG A 400 3.86 5.38 -17.93
C ARG A 400 2.56 5.39 -17.09
N PRO A 401 1.50 6.11 -17.54
CA PRO A 401 0.22 6.07 -16.83
C PRO A 401 -0.31 4.65 -16.79
N GLU A 402 -1.05 4.32 -15.74
CA GLU A 402 -1.64 3.00 -15.62
C GLU A 402 -2.63 2.77 -16.76
N GLU A 403 -3.17 3.81 -17.36
CA GLU A 403 -4.06 3.56 -18.48
C GLU A 403 -3.36 2.96 -19.74
N VAL A 404 -2.03 3.15 -19.86
CA VAL A 404 -1.37 2.76 -21.08
C VAL A 404 -0.96 1.31 -20.97
N LEU A 405 -1.54 0.45 -21.81
CA LEU A 405 -1.39 -0.99 -21.59
C LEU A 405 -0.31 -1.68 -22.45
N VAL A 406 0.31 -0.94 -23.35
CA VAL A 406 1.42 -1.46 -24.14
C VAL A 406 2.74 -0.80 -23.76
N VAL A 407 3.81 -1.55 -23.96
CA VAL A 407 5.10 -1.24 -23.39
C VAL A 407 6.27 -1.77 -24.26
N GLU A 408 7.44 -1.17 -24.05
CA GLU A 408 8.69 -1.59 -24.67
C GLU A 408 9.45 -2.47 -23.68
N ASN A 409 9.75 -3.71 -24.08
CA ASN A 409 10.51 -4.62 -23.21
C ASN A 409 12.05 -4.47 -23.37
N ASP A 410 12.78 -5.54 -23.04
CA ASP A 410 14.24 -5.61 -23.20
C ASP A 410 14.71 -5.53 -24.68
N GLU A 411 14.11 -6.36 -25.55
CA GLU A 411 14.47 -6.38 -26.97
C GLU A 411 13.63 -5.43 -27.83
N GLY A 412 13.40 -4.21 -27.34
CA GLY A 412 12.60 -3.21 -28.06
C GLY A 412 11.36 -3.79 -28.74
N GLU A 413 10.72 -4.77 -28.11
CA GLU A 413 9.43 -5.31 -28.55
C GLU A 413 8.26 -4.58 -27.86
N ILE A 414 7.22 -4.24 -28.62
CA ILE A 414 6.05 -3.57 -28.06
C ILE A 414 5.05 -4.61 -27.58
N VAL A 415 4.96 -4.79 -26.27
CA VAL A 415 4.11 -5.85 -25.74
C VAL A 415 3.00 -5.33 -24.82
N ARG A 416 2.12 -6.25 -24.44
CA ARG A 416 1.04 -6.00 -23.52
C ARG A 416 1.56 -6.27 -22.13
N GLU A 417 1.80 -5.23 -21.34
CA GLU A 417 2.47 -5.44 -20.06
C GLU A 417 1.84 -6.62 -19.32
N PHE A 418 2.68 -7.48 -18.76
CA PHE A 418 2.20 -8.51 -17.84
C PHE A 418 1.83 -7.83 -16.52
N VAL A 419 2.84 -7.22 -15.89
CA VAL A 419 2.82 -6.75 -14.49
C VAL A 419 2.32 -5.31 -14.25
N LYS A 420 1.52 -5.14 -13.16
CA LYS A 420 0.95 -3.84 -12.78
C LYS A 420 1.64 -3.26 -11.53
N GLU A 421 2.81 -2.66 -11.73
CA GLU A 421 3.64 -2.18 -10.61
C GLU A 421 3.04 -0.93 -9.98
N SER A 422 2.76 -1.00 -8.68
CA SER A 422 2.13 0.11 -7.97
C SER A 422 3.13 0.98 -7.19
N ASP A 423 4.37 0.51 -7.13
CA ASP A 423 5.50 1.36 -6.76
C ASP A 423 5.57 2.52 -7.81
N THR A 424 5.35 2.11 -9.06
CA THR A 424 5.29 3.01 -10.21
C THR A 424 4.08 3.94 -10.17
N ILE A 425 2.92 3.42 -9.78
CA ILE A 425 1.69 4.21 -9.61
C ILE A 425 1.89 5.39 -8.63
N GLN A 426 2.55 5.17 -7.50
CA GLN A 426 2.90 6.34 -6.66
C GLN A 426 3.89 7.38 -7.27
N LEU A 427 4.91 6.88 -7.98
CA LEU A 427 5.83 7.72 -8.73
C LEU A 427 5.07 8.56 -9.81
N TYR A 428 4.20 7.93 -10.58
CA TYR A 428 3.30 8.65 -11.48
C TYR A 428 2.50 9.72 -10.77
N LYS A 429 1.83 9.36 -9.67
CA LYS A 429 0.96 10.32 -9.00
C LYS A 429 1.72 11.57 -8.59
N SER A 430 2.89 11.36 -8.03
CA SER A 430 3.73 12.46 -7.61
C SER A 430 4.21 13.28 -8.84
N GLU A 431 4.64 12.61 -9.90
CA GLU A 431 5.10 13.31 -11.10
C GLU A 431 3.97 14.15 -11.79
N ARG A 432 2.79 13.52 -11.88
CA ARG A 432 1.63 14.24 -12.42
C ARG A 432 1.40 15.53 -11.62
N GLU A 433 1.44 15.45 -10.28
CA GLU A 433 1.18 16.62 -9.47
C GLU A 433 2.26 17.63 -9.71
N VAL A 434 3.51 17.17 -9.82
CA VAL A 434 4.55 18.18 -10.07
C VAL A 434 4.24 18.91 -11.40
N LEU A 435 3.76 18.16 -12.41
CA LEU A 435 3.65 18.73 -13.74
C LEU A 435 2.43 19.67 -13.71
N VAL A 436 1.39 19.27 -13.00
CA VAL A 436 0.18 20.06 -12.85
C VAL A 436 0.49 21.39 -12.16
N TYR A 437 1.21 21.36 -11.03
CA TYR A 437 1.64 22.60 -10.36
C TYR A 437 2.45 23.46 -11.31
N LEU A 438 3.43 22.85 -11.98
CA LEU A 438 4.26 23.62 -12.98
C LEU A 438 3.41 24.23 -14.06
N THR A 439 2.32 23.52 -14.41
CA THR A 439 1.44 24.02 -15.47
C THR A 439 0.69 25.27 -14.98
N HIS A 440 0.10 25.21 -13.78
CA HIS A 440 -0.51 26.45 -13.18
C HIS A 440 0.52 27.57 -12.98
N LEU A 441 1.74 27.24 -12.60
CA LEU A 441 2.77 28.26 -12.45
C LEU A 441 3.07 28.98 -13.76
N ASN A 442 3.03 28.27 -14.90
CA ASN A 442 3.20 28.94 -16.20
C ASN A 442 2.50 28.14 -17.30
N VAL A 443 1.24 28.42 -17.55
CA VAL A 443 0.50 27.66 -18.52
C VAL A 443 0.92 27.94 -19.97
N ILE A 444 1.42 29.15 -20.22
CA ILE A 444 1.97 29.52 -21.54
C ILE A 444 3.23 28.72 -21.85
N ASP A 445 4.21 28.72 -20.95
CA ASP A 445 5.46 27.96 -21.12
C ASP A 445 5.12 26.46 -21.37
N THR A 446 4.18 25.93 -20.57
CA THR A 446 3.87 24.53 -20.61
C THR A 446 3.30 24.16 -21.96
N GLU A 447 2.25 24.82 -22.37
CA GLU A 447 1.63 24.56 -23.65
C GLU A 447 2.63 24.71 -24.82
N GLU A 448 3.43 25.78 -24.77
CA GLU A 448 4.43 26.04 -25.77
C GLU A 448 5.44 24.89 -25.91
N ILE A 449 5.95 24.39 -24.78
CA ILE A 449 6.88 23.29 -24.79
C ILE A 449 6.24 22.05 -25.44
N MET A 450 5.00 21.76 -25.03
CA MET A 450 4.40 20.55 -25.48
C MET A 450 4.08 20.65 -26.99
N ILE A 451 3.55 21.76 -27.43
CA ILE A 451 3.17 21.89 -28.84
C ILE A 451 4.43 21.96 -29.72
N SER A 452 5.47 22.70 -29.30
CA SER A 452 6.65 22.70 -30.17
C SER A 452 7.34 21.30 -30.17
N LYS A 453 7.40 20.60 -29.03
CA LYS A 453 7.86 19.18 -29.04
C LYS A 453 7.05 18.26 -30.00
N LEU A 454 5.73 18.40 -30.02
CA LEU A 454 4.89 17.63 -30.95
C LEU A 454 5.23 17.99 -32.39
N ALA A 455 5.37 19.26 -32.69
CA ALA A 455 5.79 19.63 -34.05
C ALA A 455 7.07 18.88 -34.44
N ARG A 456 7.96 18.58 -33.47
CA ARG A 456 9.23 17.91 -33.84
C ARG A 456 9.06 16.43 -33.94
N GLN A 457 7.97 15.92 -33.40
CA GLN A 457 7.63 14.53 -33.68
C GLN A 457 7.14 14.41 -35.13
N ILE A 458 6.29 15.35 -35.54
CA ILE A 458 5.62 15.38 -36.79
C ILE A 458 6.62 15.67 -37.93
N ASP A 459 7.54 16.64 -37.77
CA ASP A 459 8.53 16.87 -38.84
C ASP A 459 9.65 15.86 -38.91
N GLY A 460 9.61 14.88 -37.99
CA GLY A 460 10.49 13.75 -38.02
C GLY A 460 11.83 14.01 -37.34
N SER A 461 12.15 15.24 -36.95
CA SER A 461 13.49 15.50 -36.38
C SER A 461 13.75 14.77 -35.05
N GLU A 462 12.73 14.64 -34.20
CA GLU A 462 12.91 13.98 -32.89
C GLU A 462 12.08 12.73 -32.69
N TRP A 463 11.57 12.20 -33.78
CA TRP A 463 10.70 11.03 -33.75
C TRP A 463 11.40 9.91 -33.04
N SER A 464 10.68 9.31 -32.08
CA SER A 464 11.04 8.01 -31.53
C SER A 464 9.91 7.55 -30.62
N TRP A 465 9.86 6.26 -30.33
CA TRP A 465 8.81 5.73 -29.49
C TRP A 465 8.84 6.40 -28.12
N HIS A 466 10.04 6.48 -27.58
CA HIS A 466 10.27 7.09 -26.29
C HIS A 466 9.80 8.52 -26.28
N ASN A 467 10.11 9.29 -27.34
CA ASN A 467 9.81 10.72 -27.28
C ASN A 467 8.32 10.93 -27.47
N ILE A 468 7.66 10.12 -28.32
CA ILE A 468 6.24 10.38 -28.56
C ILE A 468 5.48 9.89 -27.28
N ASN A 469 5.97 8.85 -26.63
CA ASN A 469 5.26 8.32 -25.47
C ASN A 469 5.30 9.32 -24.31
N THR A 470 6.49 9.79 -23.95
CA THR A 470 6.65 10.66 -22.78
C THR A 470 5.86 11.95 -22.97
N LEU A 471 5.91 12.52 -24.16
CA LEU A 471 5.16 13.68 -24.48
C LEU A 471 3.63 13.44 -24.45
N SER A 472 3.15 12.33 -24.98
CA SER A 472 1.69 11.98 -24.91
C SER A 472 1.22 11.83 -23.48
N TRP A 473 2.05 11.17 -22.69
CA TRP A 473 1.73 10.92 -21.30
C TRP A 473 1.65 12.22 -20.53
N ALA A 474 2.61 13.13 -20.75
CA ALA A 474 2.56 14.52 -20.19
C ALA A 474 1.34 15.33 -20.61
N ILE A 475 1.02 15.28 -21.91
CA ILE A 475 -0.15 16.01 -22.44
C ILE A 475 -1.43 15.51 -21.79
N GLY A 476 -1.53 14.20 -21.71
CA GLY A 476 -2.75 13.59 -21.11
C GLY A 476 -2.80 13.91 -19.60
N SER A 477 -1.62 13.98 -18.95
CA SER A 477 -1.53 14.13 -17.48
C SER A 477 -1.90 15.49 -16.99
N ILE A 478 -1.96 16.48 -17.89
CA ILE A 478 -2.39 17.80 -17.48
C ILE A 478 -3.84 18.14 -17.77
N SER A 479 -4.65 17.15 -18.17
CA SER A 479 -6.09 17.41 -18.30
C SER A 479 -6.71 18.01 -17.02
N GLY A 480 -7.41 19.14 -17.15
CA GLY A 480 -8.07 19.87 -16.02
C GLY A 480 -7.28 21.13 -15.71
N THR A 481 -6.03 21.20 -16.16
CA THR A 481 -5.25 22.41 -15.91
C THR A 481 -5.67 23.63 -16.72
N MET A 482 -6.27 23.47 -17.89
CA MET A 482 -6.51 24.65 -18.76
C MET A 482 -7.96 25.08 -18.66
N SER A 483 -8.27 26.34 -18.97
CA SER A 483 -9.65 26.75 -19.25
C SER A 483 -10.19 25.90 -20.40
N GLU A 484 -11.52 25.77 -20.44
CA GLU A 484 -12.17 24.99 -21.44
C GLU A 484 -11.78 25.47 -22.84
N ASP A 485 -11.68 26.79 -23.01
CA ASP A 485 -11.29 27.37 -24.27
C ASP A 485 -9.87 27.11 -24.70
N THR A 486 -8.93 27.34 -23.79
CA THR A 486 -7.52 27.09 -24.04
C THR A 486 -7.36 25.58 -24.33
N GLU A 487 -8.03 24.76 -23.54
CA GLU A 487 -7.95 23.32 -23.71
C GLU A 487 -8.43 22.89 -25.10
N LYS A 488 -9.55 23.47 -25.51
CA LYS A 488 -10.13 23.21 -26.82
C LYS A 488 -9.10 23.38 -27.94
N ARG A 489 -8.48 24.54 -28.01
CA ARG A 489 -7.48 24.79 -29.06
C ARG A 489 -6.28 23.85 -28.93
N PHE A 490 -5.90 23.55 -27.69
CA PHE A 490 -4.77 22.70 -27.40
C PHE A 490 -5.03 21.25 -27.86
N VAL A 491 -6.16 20.71 -27.46
CA VAL A 491 -6.48 19.32 -27.77
C VAL A 491 -6.78 19.13 -29.26
N VAL A 492 -7.41 20.11 -29.92
CA VAL A 492 -7.62 20.01 -31.39
C VAL A 492 -6.26 19.82 -32.09
N THR A 493 -5.28 20.66 -31.83
CA THR A 493 -3.95 20.47 -32.42
C THR A 493 -3.31 19.13 -32.10
N VAL A 494 -3.38 18.72 -30.83
CA VAL A 494 -2.70 17.51 -30.42
C VAL A 494 -3.33 16.31 -31.15
N ILE A 495 -4.65 16.29 -31.19
CA ILE A 495 -5.33 15.15 -31.80
C ILE A 495 -5.09 15.11 -33.30
N LYS A 496 -5.16 16.26 -33.96
CA LYS A 496 -4.77 16.29 -35.38
C LYS A 496 -3.36 15.71 -35.58
N ASP A 497 -2.40 16.14 -34.77
CA ASP A 497 -1.03 15.64 -34.92
C ASP A 497 -0.92 14.14 -34.65
N LEU A 498 -1.64 13.63 -33.65
CA LEU A 498 -1.48 12.23 -33.32
C LEU A 498 -2.15 11.40 -34.37
N LEU A 499 -3.30 11.83 -34.85
CA LEU A 499 -3.90 11.16 -36.03
C LEU A 499 -2.98 11.17 -37.24
N ASP A 500 -2.36 12.30 -37.53
CA ASP A 500 -1.45 12.39 -38.68
C ASP A 500 -0.26 11.38 -38.49
N LEU A 501 0.26 11.26 -37.25
CA LEU A 501 1.21 10.19 -36.92
C LEU A 501 0.69 8.78 -37.13
N THR A 502 -0.58 8.52 -36.86
CA THR A 502 -1.11 7.17 -37.22
C THR A 502 -1.08 6.89 -38.73
N VAL A 503 -1.13 7.94 -39.55
CA VAL A 503 -1.05 7.76 -41.01
C VAL A 503 0.42 7.66 -41.44
N LYS A 504 1.28 8.45 -40.80
CA LYS A 504 2.68 8.48 -41.19
C LYS A 504 3.39 7.22 -40.76
N LYS A 505 3.05 6.68 -39.59
CA LYS A 505 3.92 5.70 -38.99
C LYS A 505 3.32 4.34 -39.12
N ARG A 506 3.78 3.61 -40.15
CA ARG A 506 3.18 2.31 -40.49
C ARG A 506 4.01 1.13 -39.93
N GLY A 507 3.43 -0.05 -39.98
CA GLY A 507 3.99 -1.22 -39.28
C GLY A 507 3.19 -1.40 -38.01
N LYS A 508 3.08 -2.66 -37.59
CA LYS A 508 2.30 -3.01 -36.43
C LYS A 508 2.79 -2.27 -35.21
N ASP A 509 4.11 -2.27 -35.00
CA ASP A 509 4.73 -1.60 -33.86
C ASP A 509 4.44 -0.12 -33.82
N ASN A 510 4.85 0.61 -34.84
CA ASN A 510 4.50 2.01 -34.89
C ASN A 510 3.04 2.23 -34.60
N LYS A 511 2.19 1.49 -35.30
CA LYS A 511 0.76 1.65 -35.16
C LYS A 511 0.33 1.48 -33.67
N ALA A 512 0.90 0.47 -33.00
CA ALA A 512 0.59 0.16 -31.61
C ALA A 512 1.04 1.27 -30.66
N VAL A 513 2.26 1.78 -30.87
CA VAL A 513 2.78 2.84 -30.02
C VAL A 513 1.87 4.06 -30.15
N VAL A 514 1.65 4.48 -31.38
CA VAL A 514 0.90 5.70 -31.62
C VAL A 514 -0.58 5.53 -31.25
N ALA A 515 -1.14 4.33 -31.48
CA ALA A 515 -2.50 4.06 -31.04
C ALA A 515 -2.61 4.23 -29.52
N SER A 516 -1.67 3.65 -28.75
CA SER A 516 -1.73 3.72 -27.29
C SER A 516 -1.67 5.19 -26.85
N ASP A 517 -0.85 6.02 -27.55
CA ASP A 517 -0.73 7.46 -27.17
C ASP A 517 -1.96 8.28 -27.49
N ILE A 518 -2.52 8.00 -28.64
CA ILE A 518 -3.70 8.71 -28.96
C ILE A 518 -4.88 8.25 -28.08
N MET A 519 -4.94 6.99 -27.71
CA MET A 519 -6.06 6.52 -26.86
C MET A 519 -5.91 7.10 -25.46
N TYR A 520 -4.67 7.07 -24.94
CA TYR A 520 -4.38 7.73 -23.66
C TYR A 520 -4.88 9.15 -23.62
N VAL A 521 -4.41 9.96 -24.57
CA VAL A 521 -4.84 11.38 -24.64
C VAL A 521 -6.35 11.61 -24.75
N VAL A 522 -7.01 10.99 -25.72
CA VAL A 522 -8.45 11.25 -25.89
C VAL A 522 -9.21 10.78 -24.67
N GLY A 523 -8.79 9.67 -24.06
CA GLY A 523 -9.54 9.19 -22.88
C GLY A 523 -9.36 10.16 -21.70
N GLN A 524 -8.35 11.08 -21.73
CA GLN A 524 -8.13 11.97 -20.59
C GLN A 524 -8.84 13.29 -20.80
N TYR A 525 -9.48 13.44 -21.97
CA TYR A 525 -10.12 14.74 -22.27
C TYR A 525 -11.60 14.59 -22.63
N PRO A 526 -12.38 13.89 -21.76
CA PRO A 526 -13.83 13.78 -22.06
C PRO A 526 -14.57 15.12 -22.09
N ARG A 527 -14.14 16.09 -21.30
CA ARG A 527 -14.81 17.39 -21.32
C ARG A 527 -14.79 17.96 -22.75
N PHE A 528 -13.65 17.84 -23.41
CA PHE A 528 -13.56 18.28 -24.80
C PHE A 528 -14.46 17.44 -25.70
N LEU A 529 -14.46 16.10 -25.54
CA LEU A 529 -15.29 15.21 -26.40
C LEU A 529 -16.80 15.48 -26.21
N LYS A 530 -17.20 15.70 -24.98
CA LYS A 530 -18.59 15.93 -24.61
C LYS A 530 -19.13 17.18 -25.34
N ALA A 531 -18.28 18.18 -25.59
CA ALA A 531 -18.69 19.47 -26.16
C ALA A 531 -18.59 19.49 -27.68
N HIS A 532 -17.97 18.46 -28.27
CA HIS A 532 -17.70 18.40 -29.70
C HIS A 532 -18.07 17.04 -30.27
N TRP A 533 -19.35 16.89 -30.54
CA TRP A 533 -19.89 15.68 -31.10
C TRP A 533 -19.12 15.12 -32.27
N ASN A 534 -18.63 15.98 -33.15
CA ASN A 534 -17.80 15.53 -34.27
C ASN A 534 -16.50 14.86 -33.90
N PHE A 535 -15.77 15.42 -32.93
CA PHE A 535 -14.54 14.74 -32.46
C PHE A 535 -14.92 13.45 -31.72
N LEU A 536 -15.96 13.50 -30.90
CA LEU A 536 -16.39 12.29 -30.17
C LEU A 536 -16.65 11.12 -31.15
N ARG A 537 -17.51 11.33 -32.15
CA ARG A 537 -17.84 10.26 -33.11
C ARG A 537 -16.59 9.72 -33.79
N THR A 538 -15.69 10.63 -34.18
CA THR A 538 -14.46 10.27 -34.88
C THR A 538 -13.55 9.51 -33.97
N VAL A 539 -13.49 9.96 -32.71
CA VAL A 539 -12.62 9.27 -31.80
C VAL A 539 -13.19 7.85 -31.59
N ILE A 540 -14.51 7.72 -31.45
CA ILE A 540 -15.08 6.36 -31.23
C ILE A 540 -14.80 5.43 -32.43
N LEU A 541 -14.98 5.96 -33.65
CA LEU A 541 -14.73 5.18 -34.85
C LEU A 541 -13.29 4.74 -34.98
N LYS A 542 -12.38 5.59 -34.55
CA LYS A 542 -10.99 5.22 -34.51
C LYS A 542 -10.71 4.12 -33.47
N LEU A 543 -11.33 4.26 -32.30
CA LEU A 543 -11.23 3.14 -31.30
C LEU A 543 -11.77 1.83 -31.85
N PHE A 544 -12.91 1.90 -32.54
CA PHE A 544 -13.41 0.66 -33.22
C PHE A 544 -12.37 0.09 -34.22
N GLU A 545 -11.73 0.97 -34.98
CA GLU A 545 -10.63 0.56 -35.87
C GLU A 545 -9.53 -0.13 -35.09
N PHE A 546 -9.10 0.48 -33.97
CA PHE A 546 -8.11 -0.18 -33.11
C PHE A 546 -8.46 -1.56 -32.59
N MET A 547 -9.76 -1.83 -32.45
CA MET A 547 -10.24 -3.12 -31.97
C MET A 547 -9.98 -4.21 -33.02
N HIS A 548 -9.61 -3.82 -34.24
CA HIS A 548 -9.21 -4.81 -35.27
C HIS A 548 -7.73 -5.06 -35.34
N GLU A 549 -6.94 -4.31 -34.57
CA GLU A 549 -5.51 -4.56 -34.55
C GLU A 549 -5.22 -5.88 -33.89
N THR A 550 -4.15 -6.54 -34.32
CA THR A 550 -3.88 -7.88 -33.84
C THR A 550 -3.29 -7.82 -32.43
N HIS A 551 -2.66 -6.70 -32.08
CA HIS A 551 -2.06 -6.57 -30.76
C HIS A 551 -3.10 -6.51 -29.65
N GLU A 552 -3.12 -7.51 -28.78
CA GLU A 552 -4.15 -7.56 -27.74
C GLU A 552 -4.07 -6.41 -26.73
N GLY A 553 -2.88 -5.84 -26.55
CA GLY A 553 -2.75 -4.71 -25.65
C GLY A 553 -3.46 -3.51 -26.26
N VAL A 554 -3.34 -3.33 -27.56
CA VAL A 554 -4.04 -2.27 -28.23
C VAL A 554 -5.59 -2.47 -28.18
N GLN A 555 -6.04 -3.70 -28.38
CA GLN A 555 -7.46 -3.98 -28.29
C GLN A 555 -8.01 -3.71 -26.89
N ASP A 556 -7.25 -4.17 -25.88
CA ASP A 556 -7.66 -4.02 -24.51
C ASP A 556 -7.79 -2.51 -24.23
N MET A 557 -6.81 -1.75 -24.66
CA MET A 557 -6.85 -0.31 -24.40
C MET A 557 -7.95 0.36 -25.19
N ALA A 558 -8.22 -0.14 -26.41
CA ALA A 558 -9.33 0.46 -27.17
C ALA A 558 -10.67 0.26 -26.44
N CYS A 559 -10.90 -0.91 -25.80
CA CYS A 559 -12.17 -1.18 -25.07
C CYS A 559 -12.21 -0.40 -23.76
N ASP A 560 -11.06 -0.30 -23.11
CA ASP A 560 -10.94 0.53 -21.87
C ASP A 560 -11.20 2.02 -22.13
N THR A 561 -10.69 2.52 -23.27
CA THR A 561 -10.85 3.90 -23.60
C THR A 561 -12.28 4.16 -24.01
N PHE A 562 -12.86 3.21 -24.70
CA PHE A 562 -14.28 3.29 -25.10
C PHE A 562 -15.10 3.44 -23.81
N ILE A 563 -14.86 2.51 -22.89
CA ILE A 563 -15.62 2.53 -21.61
C ILE A 563 -15.39 3.85 -20.88
N LYS A 564 -14.13 4.31 -20.83
CA LYS A 564 -13.80 5.55 -20.09
C LYS A 564 -14.49 6.79 -20.67
N ILE A 565 -14.59 6.86 -21.98
CA ILE A 565 -15.26 7.98 -22.59
C ILE A 565 -16.77 7.87 -22.46
N VAL A 566 -17.28 6.66 -22.66
CA VAL A 566 -18.71 6.50 -22.49
C VAL A 566 -19.14 6.83 -21.04
N GLN A 567 -18.30 6.55 -20.05
CA GLN A 567 -18.71 6.87 -18.66
C GLN A 567 -19.03 8.35 -18.56
N LYS A 568 -18.36 9.21 -19.35
CA LYS A 568 -18.53 10.65 -19.23
C LYS A 568 -19.48 11.17 -20.29
N CYS A 569 -19.53 10.52 -21.44
CA CYS A 569 -20.19 11.08 -22.61
C CYS A 569 -21.46 10.32 -23.03
N LYS A 570 -21.85 9.33 -22.23
CA LYS A 570 -22.98 8.43 -22.55
C LYS A 570 -24.24 9.12 -23.10
N TYR A 571 -24.61 10.25 -22.49
CA TYR A 571 -25.80 10.98 -22.97
C TYR A 571 -25.75 11.25 -24.49
N HIS A 572 -24.59 11.63 -24.97
CA HIS A 572 -24.39 11.95 -26.39
C HIS A 572 -24.58 10.79 -27.38
N PHE A 573 -24.65 9.56 -26.87
CA PHE A 573 -24.78 8.36 -27.73
C PHE A 573 -26.22 7.93 -27.84
N VAL A 574 -27.03 8.39 -26.90
CA VAL A 574 -28.41 7.97 -26.76
C VAL A 574 -29.43 8.89 -27.47
N ILE A 575 -29.14 10.20 -27.54
CA ILE A 575 -29.97 11.18 -28.26
C ILE A 575 -29.59 11.17 -29.73
N GLN A 576 -30.53 11.47 -30.61
CA GLN A 576 -30.20 11.67 -32.02
C GLN A 576 -29.53 13.04 -32.20
N GLN A 577 -28.31 13.02 -32.72
CA GLN A 577 -27.56 14.25 -32.95
C GLN A 577 -28.05 14.94 -34.22
N PRO A 578 -27.98 16.28 -34.27
CA PRO A 578 -28.21 16.94 -35.57
C PRO A 578 -27.25 16.35 -36.61
N ARG A 579 -27.72 16.13 -37.84
CA ARG A 579 -26.84 15.66 -38.93
C ARG A 579 -26.83 14.14 -39.02
N GLU A 580 -27.47 13.51 -38.05
CA GLU A 580 -27.50 12.06 -37.94
C GLU A 580 -28.87 11.45 -38.19
N SER A 581 -28.91 10.29 -38.84
CA SER A 581 -30.16 9.57 -39.04
C SER A 581 -30.67 8.81 -37.81
N GLU A 582 -29.84 8.64 -36.79
CA GLU A 582 -30.21 7.82 -35.62
C GLU A 582 -29.27 8.04 -34.42
N PRO A 583 -29.73 7.74 -33.19
CA PRO A 583 -28.80 7.72 -32.06
C PRO A 583 -27.58 6.83 -32.34
N PHE A 584 -26.38 7.32 -32.03
CA PHE A 584 -25.19 6.46 -32.21
C PHE A 584 -25.26 5.04 -31.52
N ILE A 585 -25.95 4.93 -30.38
CA ILE A 585 -26.15 3.60 -29.73
C ILE A 585 -26.80 2.61 -30.69
N GLN A 586 -27.73 3.10 -31.53
CA GLN A 586 -28.39 2.22 -32.50
C GLN A 586 -27.40 1.64 -33.53
N THR A 587 -26.54 2.52 -34.02
CA THR A 587 -25.54 2.11 -34.99
C THR A 587 -24.56 1.14 -34.32
N ILE A 588 -24.13 1.51 -33.12
CA ILE A 588 -23.21 0.64 -32.39
C ILE A 588 -23.74 -0.79 -32.24
N ILE A 589 -25.00 -0.90 -31.82
CA ILE A 589 -25.61 -2.18 -31.57
C ILE A 589 -25.73 -2.94 -32.88
N ARG A 590 -26.24 -2.29 -33.92
CA ARG A 590 -26.41 -3.04 -35.18
C ARG A 590 -25.06 -3.60 -35.63
N ASP A 591 -23.96 -2.83 -35.52
CA ASP A 591 -22.65 -3.35 -36.04
C ASP A 591 -21.76 -4.16 -35.09
N ILE A 592 -22.33 -4.56 -33.96
CA ILE A 592 -21.53 -5.07 -32.85
C ILE A 592 -20.72 -6.30 -33.23
N GLN A 593 -21.33 -7.17 -34.03
CA GLN A 593 -20.71 -8.44 -34.42
C GLN A 593 -19.45 -8.15 -35.30
N LYS A 594 -19.61 -7.23 -36.24
CA LYS A 594 -18.48 -6.73 -37.04
C LYS A 594 -17.47 -6.00 -36.16
N THR A 595 -17.93 -5.07 -35.33
CA THR A 595 -16.98 -4.26 -34.57
C THR A 595 -16.10 -5.10 -33.70
N THR A 596 -16.68 -6.17 -33.14
CA THR A 596 -15.98 -6.89 -32.07
C THR A 596 -15.46 -8.26 -32.54
N ALA A 597 -15.51 -8.52 -33.85
CA ALA A 597 -15.13 -9.88 -34.34
C ALA A 597 -13.70 -10.27 -33.99
N ASP A 598 -12.79 -9.30 -33.89
CA ASP A 598 -11.41 -9.70 -33.56
C ASP A 598 -11.07 -9.72 -32.08
N LEU A 599 -12.00 -9.32 -31.23
CA LEU A 599 -11.69 -9.16 -29.79
C LEU A 599 -11.70 -10.51 -29.13
N GLN A 600 -10.86 -10.67 -28.12
CA GLN A 600 -11.00 -11.80 -27.20
C GLN A 600 -12.31 -11.65 -26.39
N PRO A 601 -12.88 -12.78 -25.93
CA PRO A 601 -14.17 -12.67 -25.19
C PRO A 601 -14.12 -11.64 -24.03
N GLN A 602 -13.07 -11.60 -23.26
CA GLN A 602 -12.99 -10.65 -22.18
C GLN A 602 -13.19 -9.17 -22.64
N GLN A 603 -12.67 -8.83 -23.82
CA GLN A 603 -12.79 -7.49 -24.37
C GLN A 603 -14.17 -7.32 -24.95
N VAL A 604 -14.70 -8.40 -25.57
CA VAL A 604 -16.08 -8.30 -26.04
C VAL A 604 -16.99 -7.93 -24.81
N HIS A 605 -16.72 -8.52 -23.65
CA HIS A 605 -17.60 -8.25 -22.46
C HIS A 605 -17.55 -6.82 -22.04
N THR A 606 -16.34 -6.22 -22.11
CA THR A 606 -16.20 -4.77 -21.85
C THR A 606 -16.97 -3.95 -22.80
N PHE A 607 -16.94 -4.33 -24.07
CA PHE A 607 -17.63 -3.57 -25.08
C PHE A 607 -19.13 -3.63 -24.77
N TYR A 608 -19.65 -4.81 -24.40
CA TYR A 608 -21.11 -4.85 -24.09
C TYR A 608 -21.43 -4.05 -22.79
N LYS A 609 -20.49 -4.07 -21.82
CA LYS A 609 -20.61 -3.26 -20.61
C LYS A 609 -20.76 -1.78 -20.97
N ALA A 610 -19.96 -1.24 -21.91
CA ALA A 610 -20.00 0.17 -22.29
C ALA A 610 -21.36 0.47 -22.93
N CYS A 611 -21.84 -0.45 -23.76
CA CYS A 611 -23.18 -0.29 -24.36
C CYS A 611 -24.27 -0.23 -23.29
N GLY A 612 -24.13 -1.03 -22.25
CA GLY A 612 -25.15 -1.03 -21.20
C GLY A 612 -25.12 0.29 -20.47
N ILE A 613 -23.96 0.91 -20.32
CA ILE A 613 -23.95 2.21 -19.66
C ILE A 613 -24.75 3.24 -20.52
N ILE A 614 -24.58 3.18 -21.83
CA ILE A 614 -25.28 4.11 -22.70
C ILE A 614 -26.79 3.80 -22.65
N ILE A 615 -27.17 2.54 -22.77
CA ILE A 615 -28.60 2.21 -22.74
C ILE A 615 -29.34 2.66 -21.46
N SER A 616 -28.66 2.63 -20.32
CA SER A 616 -29.34 3.07 -19.11
C SER A 616 -29.61 4.58 -19.07
N GLU A 617 -29.05 5.35 -20.01
CA GLU A 617 -29.43 6.74 -20.20
C GLU A 617 -30.84 6.91 -20.71
N GLU A 618 -31.39 5.86 -21.32
CA GLU A 618 -32.71 5.98 -21.89
C GLU A 618 -33.68 5.69 -20.73
N ARG A 619 -34.39 6.73 -20.26
CA ARG A 619 -35.23 6.56 -19.05
C ARG A 619 -36.65 6.13 -19.46
N SER A 620 -36.96 6.14 -20.74
CA SER A 620 -38.25 5.58 -21.09
C SER A 620 -38.23 4.01 -21.26
N VAL A 621 -39.08 3.32 -20.50
CA VAL A 621 -39.02 1.86 -20.30
C VAL A 621 -39.07 1.05 -21.60
N ALA A 622 -40.05 1.33 -22.48
CA ALA A 622 -40.23 0.51 -23.69
C ALA A 622 -39.01 0.62 -24.57
N GLU A 623 -38.51 1.83 -24.75
CA GLU A 623 -37.33 2.10 -25.61
C GLU A 623 -36.04 1.52 -24.96
N ARG A 624 -35.88 1.68 -23.66
CA ARG A 624 -34.70 1.11 -23.00
C ARG A 624 -34.72 -0.42 -23.13
N ASN A 625 -35.89 -1.04 -22.90
CA ASN A 625 -36.02 -2.47 -22.99
C ASN A 625 -35.73 -2.97 -24.38
N ARG A 626 -36.18 -2.24 -25.40
CA ARG A 626 -35.91 -2.67 -26.77
C ARG A 626 -34.38 -2.51 -27.11
N LEU A 627 -33.73 -1.45 -26.64
CA LEU A 627 -32.27 -1.34 -26.80
C LEU A 627 -31.56 -2.53 -26.13
N LEU A 628 -32.02 -2.91 -24.92
CA LEU A 628 -31.42 -4.00 -24.21
C LEU A 628 -31.60 -5.31 -25.00
N SER A 629 -32.83 -5.51 -25.47
CA SER A 629 -33.14 -6.69 -26.25
C SER A 629 -32.26 -6.73 -27.54
N ASP A 630 -32.10 -5.60 -28.17
CA ASP A 630 -31.25 -5.52 -29.38
C ASP A 630 -29.79 -5.83 -28.98
N LEU A 631 -29.32 -5.23 -27.89
CA LEU A 631 -27.92 -5.45 -27.43
C LEU A 631 -27.68 -6.94 -27.20
N MET A 632 -28.67 -7.62 -26.63
CA MET A 632 -28.49 -9.01 -26.22
C MET A 632 -28.84 -10.05 -27.32
N GLN A 633 -29.11 -9.61 -28.54
CA GLN A 633 -29.51 -10.55 -29.63
C GLN A 633 -28.47 -11.67 -29.84
N LEU A 634 -27.20 -11.32 -30.01
CA LEU A 634 -26.19 -12.37 -30.15
C LEU A 634 -26.11 -13.34 -28.96
N PRO A 635 -25.95 -12.82 -27.72
CA PRO A 635 -25.82 -13.84 -26.65
C PRO A 635 -27.11 -14.60 -26.40
N ASN A 636 -28.26 -13.97 -26.61
CA ASN A 636 -29.52 -14.69 -26.44
C ASN A 636 -29.76 -15.78 -27.51
N MET A 637 -29.34 -15.50 -28.76
CA MET A 637 -29.35 -16.53 -29.82
C MET A 637 -28.44 -17.72 -29.47
N ALA A 638 -27.20 -17.43 -29.06
CA ALA A 638 -26.27 -18.47 -28.64
C ALA A 638 -26.86 -19.25 -27.45
N TRP A 639 -27.55 -18.51 -26.56
CA TRP A 639 -28.11 -19.14 -25.32
C TRP A 639 -29.24 -20.12 -25.68
N ASP A 640 -30.20 -19.67 -26.48
CA ASP A 640 -31.27 -20.59 -26.89
C ASP A 640 -30.75 -21.88 -27.59
N THR A 641 -29.77 -21.73 -28.47
CA THR A 641 -29.10 -22.88 -29.06
C THR A 641 -28.45 -23.81 -28.03
N ILE A 642 -27.58 -23.27 -27.18
CA ILE A 642 -26.78 -24.09 -26.28
C ILE A 642 -27.65 -24.74 -25.19
N VAL A 643 -28.75 -24.07 -24.85
CA VAL A 643 -29.70 -24.65 -23.86
C VAL A 643 -30.38 -25.88 -24.52
N GLU A 644 -30.83 -25.69 -25.76
CA GLU A 644 -31.35 -26.77 -26.61
C GLU A 644 -30.38 -27.98 -26.63
N GLN A 645 -29.20 -27.75 -27.17
CA GLN A 645 -28.22 -28.80 -27.42
C GLN A 645 -27.75 -29.47 -26.13
N SER A 646 -27.41 -28.69 -25.10
CA SER A 646 -26.86 -29.26 -23.86
C SER A 646 -27.89 -30.08 -23.04
N THR A 647 -29.17 -29.69 -23.07
CA THR A 647 -30.19 -30.49 -22.34
C THR A 647 -30.55 -31.78 -23.11
N ALA A 648 -30.47 -31.77 -24.43
CA ALA A 648 -30.60 -33.01 -25.21
C ALA A 648 -29.43 -33.96 -24.88
N ASN A 649 -28.21 -33.43 -24.83
CA ASN A 649 -27.02 -34.26 -24.56
C ASN A 649 -26.10 -33.69 -23.48
N PRO A 650 -26.45 -33.95 -22.21
CA PRO A 650 -25.77 -33.39 -21.03
C PRO A 650 -24.27 -33.60 -21.01
N THR A 651 -23.75 -34.54 -21.81
CA THR A 651 -22.29 -34.79 -21.84
C THR A 651 -21.52 -33.71 -22.63
N LEU A 652 -22.24 -32.95 -23.45
CA LEU A 652 -21.70 -31.68 -24.02
C LEU A 652 -21.09 -30.81 -22.92
N LEU A 653 -21.61 -30.95 -21.73
CA LEU A 653 -21.10 -30.21 -20.59
C LEU A 653 -19.65 -30.60 -20.22
N LEU A 654 -19.18 -31.74 -20.70
CA LEU A 654 -17.79 -32.14 -20.46
C LEU A 654 -16.87 -31.65 -21.59
N ASP A 655 -17.48 -31.06 -22.63
CA ASP A 655 -16.78 -30.51 -23.78
C ASP A 655 -16.29 -29.05 -23.56
N SER A 656 -14.98 -28.87 -23.61
CA SER A 656 -14.33 -27.57 -23.40
C SER A 656 -15.00 -26.40 -24.11
N GLU A 657 -15.32 -26.62 -25.39
CA GLU A 657 -15.85 -25.60 -26.25
C GLU A 657 -17.23 -25.15 -25.85
N THR A 658 -18.05 -26.12 -25.50
CA THR A 658 -19.41 -25.88 -25.06
C THR A 658 -19.42 -25.09 -23.71
N VAL A 659 -18.69 -25.59 -22.73
CA VAL A 659 -18.47 -24.93 -21.46
C VAL A 659 -18.00 -23.48 -21.67
N LYS A 660 -17.04 -23.29 -22.55
CA LYS A 660 -16.56 -21.98 -22.86
C LYS A 660 -17.66 -21.08 -23.45
N ILE A 661 -18.44 -21.60 -24.38
CA ILE A 661 -19.57 -20.87 -24.95
C ILE A 661 -20.55 -20.41 -23.85
N ILE A 662 -20.89 -21.31 -22.93
CA ILE A 662 -21.85 -21.03 -21.90
C ILE A 662 -21.33 -19.97 -20.96
N ALA A 663 -20.11 -20.18 -20.46
CA ALA A 663 -19.46 -19.26 -19.56
C ALA A 663 -19.42 -17.83 -20.17
N ASN A 664 -19.00 -17.71 -21.42
CA ASN A 664 -18.95 -16.39 -22.07
C ASN A 664 -20.33 -15.72 -22.30
N ILE A 665 -21.38 -16.51 -22.57
CA ILE A 665 -22.74 -15.93 -22.52
C ILE A 665 -23.06 -15.37 -21.13
N ILE A 666 -22.77 -16.10 -20.07
CA ILE A 666 -23.12 -15.64 -18.76
C ILE A 666 -22.30 -14.38 -18.45
N LYS A 667 -21.01 -14.41 -18.75
CA LYS A 667 -20.14 -13.24 -18.54
C LYS A 667 -20.63 -12.02 -19.29
N THR A 668 -21.21 -12.22 -20.48
CA THR A 668 -21.72 -11.09 -21.27
C THR A 668 -22.89 -10.51 -20.49
N ASN A 669 -23.78 -11.39 -19.98
CA ASN A 669 -24.89 -10.88 -19.19
C ASN A 669 -24.39 -10.17 -17.89
N VAL A 670 -23.37 -10.72 -17.20
CA VAL A 670 -22.79 -10.05 -16.03
C VAL A 670 -22.30 -8.68 -16.40
N ALA A 671 -21.59 -8.59 -17.54
CA ALA A 671 -21.01 -7.29 -17.93
C ALA A 671 -22.13 -6.23 -18.15
N VAL A 672 -23.20 -6.59 -18.86
CA VAL A 672 -24.30 -5.63 -19.13
C VAL A 672 -25.04 -5.36 -17.83
N CYS A 673 -25.23 -6.39 -17.01
CA CYS A 673 -25.93 -6.19 -15.76
C CYS A 673 -25.14 -5.21 -14.80
N THR A 674 -23.81 -5.26 -14.86
CA THR A 674 -23.01 -4.43 -14.01
C THR A 674 -23.28 -2.99 -14.35
N SER A 675 -23.39 -2.66 -15.62
CA SER A 675 -23.67 -1.30 -16.07
C SER A 675 -25.14 -0.92 -15.91
N MET A 676 -26.08 -1.84 -16.17
CA MET A 676 -27.50 -1.46 -16.17
C MET A 676 -28.24 -1.61 -14.80
N GLY A 677 -27.73 -2.42 -13.88
CA GLY A 677 -28.33 -2.44 -12.52
C GLY A 677 -29.77 -2.89 -12.62
N ALA A 678 -30.63 -2.17 -11.91
CA ALA A 678 -32.08 -2.42 -11.88
C ALA A 678 -32.66 -2.50 -13.27
N ASP A 679 -32.07 -1.84 -14.29
CA ASP A 679 -32.74 -1.82 -15.63
C ASP A 679 -32.54 -3.16 -16.38
N PHE A 680 -31.65 -4.02 -15.85
CA PHE A 680 -31.31 -5.27 -16.52
C PHE A 680 -32.41 -6.33 -16.29
N TYR A 681 -33.35 -6.06 -15.41
CA TYR A 681 -34.28 -7.13 -15.07
C TYR A 681 -34.96 -7.92 -16.25
N PRO A 682 -35.43 -7.22 -17.31
CA PRO A 682 -36.04 -7.98 -18.43
C PRO A 682 -35.11 -9.01 -19.03
N GLN A 683 -33.84 -8.70 -19.14
CA GLN A 683 -32.88 -9.67 -19.66
C GLN A 683 -32.65 -10.80 -18.68
N LEU A 684 -32.50 -10.46 -17.41
CA LEU A 684 -32.29 -11.54 -16.41
C LEU A 684 -33.52 -12.45 -16.45
N GLY A 685 -34.70 -11.82 -16.51
CA GLY A 685 -35.96 -12.62 -16.43
C GLY A 685 -36.09 -13.50 -17.69
N HIS A 686 -35.53 -13.06 -18.83
CA HIS A 686 -35.50 -13.86 -20.08
C HIS A 686 -34.78 -15.21 -19.94
N ILE A 687 -33.60 -15.22 -19.29
CA ILE A 687 -32.85 -16.45 -19.11
C ILE A 687 -33.06 -17.19 -17.79
N TYR A 688 -33.73 -16.55 -16.83
CA TYR A 688 -33.61 -17.00 -15.42
C TYR A 688 -33.83 -18.52 -15.21
N TYR A 689 -35.01 -19.04 -15.59
CA TYR A 689 -35.30 -20.45 -15.29
C TYR A 689 -34.38 -21.41 -16.01
N ASN A 690 -34.10 -21.17 -17.29
CA ASN A 690 -33.16 -22.06 -17.96
C ASN A 690 -31.78 -21.94 -17.32
N MET A 691 -31.45 -20.72 -16.87
CA MET A 691 -30.17 -20.54 -16.24
C MET A 691 -30.09 -21.38 -14.97
N LEU A 692 -31.13 -21.37 -14.15
CA LEU A 692 -31.07 -22.17 -12.92
C LEU A 692 -31.11 -23.67 -13.24
N GLN A 693 -31.78 -24.04 -14.33
CA GLN A 693 -31.78 -25.49 -14.72
C GLN A 693 -30.37 -25.85 -15.16
N LEU A 694 -29.76 -24.92 -15.92
CA LEU A 694 -28.38 -25.17 -16.33
C LEU A 694 -27.50 -25.32 -15.06
N TYR A 695 -27.68 -24.44 -14.09
CA TYR A 695 -26.91 -24.56 -12.86
C TYR A 695 -27.07 -25.99 -12.25
N ARG A 696 -28.32 -26.47 -12.13
CA ARG A 696 -28.59 -27.81 -11.60
C ARG A 696 -27.94 -28.90 -12.44
N ALA A 697 -28.01 -28.74 -13.75
CA ALA A 697 -27.46 -29.74 -14.67
C ALA A 697 -25.97 -29.79 -14.52
N VAL A 698 -25.30 -28.63 -14.43
CA VAL A 698 -23.87 -28.60 -14.30
C VAL A 698 -23.43 -29.16 -12.93
N SER A 699 -24.26 -28.91 -11.90
CA SER A 699 -24.00 -29.42 -10.55
C SER A 699 -24.08 -30.98 -10.54
N SER A 700 -25.01 -31.59 -11.28
CA SER A 700 -25.01 -33.08 -11.42
C SER A 700 -23.75 -33.56 -12.09
N MET A 701 -23.37 -32.98 -13.23
CA MET A 701 -22.12 -33.33 -13.85
C MET A 701 -20.97 -33.31 -12.84
N ILE A 702 -20.86 -32.23 -12.06
CA ILE A 702 -19.75 -32.12 -11.14
C ILE A 702 -19.81 -33.25 -10.11
N SER A 703 -20.95 -33.44 -9.43
CA SER A 703 -21.08 -34.57 -8.50
C SER A 703 -20.80 -35.94 -9.15
N ALA A 704 -21.21 -36.14 -10.39
CA ALA A 704 -20.89 -37.38 -11.08
C ALA A 704 -19.37 -37.57 -11.18
N GLN A 705 -18.62 -36.58 -11.68
CA GLN A 705 -17.18 -36.76 -11.80
C GLN A 705 -16.55 -37.05 -10.44
N VAL A 706 -17.05 -36.43 -9.36
CA VAL A 706 -16.48 -36.62 -8.01
C VAL A 706 -16.73 -38.03 -7.49
N ALA A 707 -17.94 -38.52 -7.71
CA ALA A 707 -18.35 -39.88 -7.35
C ALA A 707 -17.50 -40.92 -8.07
N ALA A 708 -17.28 -40.69 -9.37
CA ALA A 708 -16.56 -41.57 -10.28
C ALA A 708 -15.03 -41.55 -10.09
N GLU A 709 -14.38 -40.41 -10.34
CA GLU A 709 -12.96 -40.25 -10.05
C GLU A 709 -12.93 -39.92 -8.57
N GLY A 710 -11.83 -39.46 -8.00
CA GLY A 710 -11.96 -39.04 -6.58
C GLY A 710 -12.16 -37.54 -6.37
N LEU A 711 -11.94 -37.10 -5.13
CA LEU A 711 -11.70 -35.68 -4.83
C LEU A 711 -10.84 -35.05 -5.91
N ILE A 712 -9.89 -35.84 -6.41
CA ILE A 712 -8.94 -35.39 -7.40
C ILE A 712 -9.66 -34.78 -8.59
N ALA A 713 -10.89 -35.24 -8.85
CA ALA A 713 -11.70 -34.65 -9.93
C ALA A 713 -11.75 -33.10 -9.92
N THR A 714 -11.73 -32.49 -8.73
CA THR A 714 -11.88 -31.02 -8.68
C THR A 714 -10.70 -30.31 -9.29
N LYS A 715 -9.55 -30.99 -9.39
CA LYS A 715 -8.38 -30.40 -10.05
C LYS A 715 -8.44 -30.50 -11.57
N THR A 716 -9.35 -31.29 -12.11
CA THR A 716 -9.38 -31.46 -13.57
C THR A 716 -9.95 -30.27 -14.32
N PRO A 717 -9.42 -30.02 -15.51
CA PRO A 717 -10.05 -28.99 -16.34
C PRO A 717 -11.57 -29.16 -16.56
N LYS A 718 -12.08 -30.39 -16.70
CA LYS A 718 -13.52 -30.58 -16.93
C LYS A 718 -14.33 -29.94 -15.77
N VAL A 719 -13.95 -30.26 -14.53
CA VAL A 719 -14.69 -29.81 -13.36
C VAL A 719 -14.48 -28.29 -13.18
N ARG A 720 -13.26 -27.80 -13.38
CA ARG A 720 -12.99 -26.35 -13.34
C ARG A 720 -13.89 -25.58 -14.33
N GLY A 721 -14.04 -26.16 -15.51
CA GLY A 721 -14.83 -25.56 -16.54
C GLY A 721 -16.29 -25.53 -16.13
N LEU A 722 -16.75 -26.65 -15.58
CA LEU A 722 -18.11 -26.75 -15.09
C LEU A 722 -18.36 -25.73 -13.95
N ARG A 723 -17.46 -25.64 -12.98
CA ARG A 723 -17.66 -24.68 -11.90
C ARG A 723 -17.66 -23.22 -12.33
N THR A 724 -16.94 -22.89 -13.41
CA THR A 724 -16.92 -21.51 -13.93
C THR A 724 -18.35 -21.10 -14.32
N ILE A 725 -19.12 -22.05 -14.88
CA ILE A 725 -20.52 -21.75 -15.19
C ILE A 725 -21.31 -21.42 -13.89
N LYS A 726 -21.18 -22.25 -12.88
CA LYS A 726 -21.88 -22.01 -11.64
C LYS A 726 -21.41 -20.68 -11.04
N LYS A 727 -20.11 -20.37 -11.12
CA LYS A 727 -19.63 -19.14 -10.51
C LYS A 727 -20.16 -17.92 -11.22
N GLU A 728 -20.26 -17.96 -12.56
CA GLU A 728 -20.73 -16.81 -13.26
C GLU A 728 -22.23 -16.63 -13.07
N ILE A 729 -22.95 -17.72 -13.02
CA ILE A 729 -24.36 -17.58 -12.72
C ILE A 729 -24.61 -16.89 -11.35
N LEU A 730 -23.86 -17.33 -10.35
CA LEU A 730 -24.00 -16.72 -8.99
C LEU A 730 -23.60 -15.27 -9.04
N LYS A 731 -22.55 -14.93 -9.81
CA LYS A 731 -22.16 -13.52 -9.97
C LYS A 731 -23.25 -12.63 -10.65
N LEU A 732 -23.84 -13.19 -11.68
CA LEU A 732 -24.91 -12.48 -12.38
C LEU A 732 -26.03 -12.22 -11.42
N VAL A 733 -26.42 -13.23 -10.65
CA VAL A 733 -27.57 -12.98 -9.81
C VAL A 733 -27.18 -12.01 -8.65
N GLU A 734 -26.00 -12.15 -8.09
CA GLU A 734 -25.51 -11.23 -7.04
C GLU A 734 -25.46 -9.83 -7.60
N THR A 735 -24.99 -9.71 -8.84
CA THR A 735 -24.85 -8.38 -9.40
C THR A 735 -26.22 -7.72 -9.58
N TYR A 736 -27.19 -8.46 -10.09
CA TYR A 736 -28.53 -7.86 -10.29
C TYR A 736 -29.15 -7.49 -8.92
N ILE A 737 -29.16 -8.45 -8.01
CA ILE A 737 -29.80 -8.22 -6.69
C ILE A 737 -29.12 -7.09 -5.94
N SER A 738 -27.81 -6.86 -6.19
CA SER A 738 -27.17 -5.77 -5.49
C SER A 738 -27.67 -4.43 -5.97
N LYS A 739 -28.27 -4.36 -7.17
CA LYS A 739 -28.72 -3.05 -7.66
C LYS A 739 -30.23 -3.03 -7.93
N ALA A 740 -30.92 -4.11 -7.65
CA ALA A 740 -32.38 -4.18 -7.95
C ALA A 740 -33.09 -3.07 -7.20
N ARG A 741 -34.08 -2.46 -7.85
CA ARG A 741 -35.00 -1.53 -7.23
C ARG A 741 -36.26 -2.27 -6.78
N ASN A 742 -36.66 -3.31 -7.51
CA ASN A 742 -37.87 -4.02 -7.25
C ASN A 742 -37.62 -5.17 -6.27
N LEU A 743 -37.55 -4.87 -4.97
CA LEU A 743 -37.16 -5.84 -4.00
C LEU A 743 -38.27 -6.87 -3.70
N ASP A 744 -39.51 -6.46 -3.79
CA ASP A 744 -40.63 -7.40 -3.52
C ASP A 744 -40.73 -8.46 -4.64
N ASP A 745 -40.58 -8.08 -5.91
CA ASP A 745 -40.39 -9.03 -6.99
C ASP A 745 -39.18 -9.95 -6.85
N VAL A 746 -38.01 -9.40 -6.48
CA VAL A 746 -36.87 -10.27 -6.16
C VAL A 746 -37.32 -11.35 -5.20
N VAL A 747 -37.99 -10.95 -4.14
CA VAL A 747 -38.37 -12.00 -3.18
C VAL A 747 -39.41 -12.95 -3.80
N LYS A 748 -40.41 -12.41 -4.50
CA LYS A 748 -41.58 -13.20 -4.91
C LYS A 748 -41.26 -14.18 -6.03
N VAL A 749 -40.33 -13.79 -6.93
CA VAL A 749 -40.00 -14.53 -8.17
C VAL A 749 -38.55 -15.06 -8.20
N LEU A 750 -37.51 -14.31 -7.69
CA LEU A 750 -36.18 -14.79 -7.92
C LEU A 750 -35.71 -15.65 -6.76
N VAL A 751 -36.01 -15.21 -5.53
CA VAL A 751 -35.23 -15.83 -4.40
C VAL A 751 -35.47 -17.33 -4.24
N GLU A 752 -36.74 -17.77 -4.26
CA GLU A 752 -36.98 -19.14 -3.90
C GLU A 752 -36.35 -20.13 -4.88
N PRO A 753 -36.47 -19.88 -6.20
CA PRO A 753 -35.78 -20.78 -7.12
C PRO A 753 -34.26 -20.70 -6.97
N LEU A 754 -33.74 -19.53 -6.62
CA LEU A 754 -32.30 -19.45 -6.43
C LEU A 754 -31.91 -20.30 -5.24
N LEU A 755 -32.52 -20.07 -4.07
CA LEU A 755 -32.07 -20.86 -2.91
C LEU A 755 -32.23 -22.35 -3.27
N ASN A 756 -33.32 -22.67 -3.96
CA ASN A 756 -33.57 -24.08 -4.26
C ASN A 756 -32.47 -24.67 -5.13
N ALA A 757 -32.02 -23.91 -6.14
CA ALA A 757 -30.96 -24.43 -7.01
C ALA A 757 -29.62 -24.48 -6.33
N VAL A 758 -29.32 -23.53 -5.43
CA VAL A 758 -27.93 -23.47 -4.96
C VAL A 758 -27.62 -24.06 -3.57
N LEU A 759 -28.57 -24.08 -2.63
CA LEU A 759 -28.20 -24.33 -1.20
C LEU A 759 -27.86 -25.81 -0.90
N GLU A 760 -28.76 -26.71 -1.27
CA GLU A 760 -28.50 -28.09 -1.04
C GLU A 760 -27.32 -28.59 -1.76
N ASP A 761 -27.14 -28.14 -3.01
CA ASP A 761 -25.96 -28.48 -3.75
C ASP A 761 -24.69 -28.06 -3.00
N TYR A 762 -24.71 -26.88 -2.39
CA TYR A 762 -23.54 -26.46 -1.63
C TYR A 762 -23.32 -27.39 -0.42
N MET A 763 -24.36 -27.58 0.37
CA MET A 763 -24.25 -28.35 1.61
C MET A 763 -23.74 -29.78 1.34
N ASN A 764 -24.25 -30.38 0.27
CA ASN A 764 -23.97 -31.78 -0.04
C ASN A 764 -22.75 -32.04 -0.90
N ASN A 765 -22.12 -31.03 -1.46
CA ASN A 765 -20.87 -31.28 -2.13
C ASN A 765 -19.69 -31.60 -1.21
N VAL A 766 -18.62 -32.17 -1.77
CA VAL A 766 -17.37 -32.33 -1.04
C VAL A 766 -16.74 -30.93 -0.84
N PRO A 767 -16.04 -30.71 0.27
CA PRO A 767 -15.46 -29.38 0.52
C PRO A 767 -14.76 -28.72 -0.68
N ASP A 768 -14.01 -29.48 -1.48
CA ASP A 768 -13.20 -28.85 -2.51
C ASP A 768 -14.06 -28.47 -3.67
N ALA A 769 -15.30 -28.94 -3.72
CA ALA A 769 -16.16 -28.55 -4.85
C ALA A 769 -17.22 -27.46 -4.47
N ARG A 770 -17.26 -27.06 -3.20
CA ARG A 770 -18.17 -25.97 -2.78
C ARG A 770 -17.60 -24.61 -3.25
N ASP A 771 -18.42 -23.82 -3.94
CA ASP A 771 -18.00 -22.51 -4.49
C ASP A 771 -18.18 -21.43 -3.46
N ALA A 772 -17.09 -20.71 -3.15
CA ALA A 772 -17.23 -19.63 -2.18
C ALA A 772 -18.22 -18.58 -2.69
N GLU A 773 -18.35 -18.48 -4.02
CA GLU A 773 -19.28 -17.56 -4.69
C GLU A 773 -20.72 -17.82 -4.22
N VAL A 774 -21.00 -18.98 -3.69
CA VAL A 774 -22.42 -19.17 -3.17
C VAL A 774 -22.59 -18.27 -1.90
N LEU A 775 -21.53 -18.21 -1.08
CA LEU A 775 -21.59 -17.42 0.19
C LEU A 775 -21.70 -15.96 -0.16
N ASN A 776 -20.93 -15.55 -1.16
CA ASN A 776 -20.94 -14.15 -1.59
C ASN A 776 -22.34 -13.77 -2.15
N CYS A 777 -22.94 -14.63 -2.96
CA CYS A 777 -24.26 -14.30 -3.50
C CYS A 777 -25.24 -14.21 -2.35
N MET A 778 -25.14 -15.14 -1.40
CA MET A 778 -26.13 -15.15 -0.30
C MET A 778 -25.90 -13.90 0.55
N THR A 779 -24.67 -13.38 0.62
CA THR A 779 -24.47 -12.17 1.44
C THR A 779 -25.25 -11.04 0.82
N THR A 780 -25.22 -10.94 -0.51
CA THR A 780 -25.94 -9.78 -1.08
C THR A 780 -27.44 -10.04 -1.01
N VAL A 781 -27.87 -11.29 -1.13
CA VAL A 781 -29.33 -11.54 -0.91
C VAL A 781 -29.78 -11.07 0.48
N VAL A 782 -29.01 -11.49 1.49
CA VAL A 782 -29.41 -11.15 2.89
C VAL A 782 -29.32 -9.65 3.11
N GLU A 783 -28.36 -9.03 2.49
CA GLU A 783 -28.16 -7.64 2.73
C GLU A 783 -29.29 -6.85 2.12
N LYS A 784 -29.72 -7.25 0.90
CA LYS A 784 -30.79 -6.44 0.27
C LYS A 784 -32.17 -6.91 0.71
N VAL A 785 -32.42 -8.19 0.89
CA VAL A 785 -33.84 -8.49 1.24
C VAL A 785 -33.92 -9.35 2.46
N GLY A 786 -32.80 -9.50 3.18
CA GLY A 786 -32.77 -10.42 4.32
C GLY A 786 -33.84 -10.00 5.29
N HIS A 787 -34.18 -8.71 5.32
CA HIS A 787 -35.13 -8.25 6.31
C HIS A 787 -36.52 -8.84 6.03
N MET A 788 -36.75 -9.33 4.83
CA MET A 788 -38.11 -9.86 4.56
C MET A 788 -38.07 -11.27 3.96
N ILE A 789 -37.00 -11.99 4.17
CA ILE A 789 -36.98 -13.46 3.96
C ILE A 789 -36.53 -14.24 5.20
N PRO A 790 -37.33 -14.17 6.29
CA PRO A 790 -36.83 -14.88 7.48
C PRO A 790 -36.65 -16.38 7.27
N GLN A 791 -37.55 -17.02 6.51
CA GLN A 791 -37.42 -18.47 6.25
C GLN A 791 -36.30 -18.70 5.35
N GLY A 792 -36.16 -17.83 4.34
CA GLY A 792 -35.03 -17.99 3.43
C GLY A 792 -33.67 -17.93 4.19
N VAL A 793 -33.56 -17.05 5.16
CA VAL A 793 -32.26 -16.88 5.89
C VAL A 793 -31.96 -18.13 6.73
N ILE A 794 -33.01 -18.66 7.37
CA ILE A 794 -32.87 -19.93 8.07
C ILE A 794 -32.39 -21.04 7.14
N LEU A 795 -32.95 -21.15 5.96
CA LEU A 795 -32.41 -22.16 5.00
C LEU A 795 -30.97 -21.90 4.63
N ILE A 796 -30.62 -20.64 4.46
CA ILE A 796 -29.24 -20.31 4.11
C ILE A 796 -28.33 -20.82 5.25
N LEU A 797 -28.64 -20.46 6.49
CA LEU A 797 -27.82 -20.91 7.63
C LEU A 797 -27.77 -22.41 7.69
N GLN A 798 -28.91 -23.05 7.59
CA GLN A 798 -28.97 -24.51 7.62
C GLN A 798 -28.10 -25.14 6.59
N SER A 799 -28.05 -24.56 5.39
CA SER A 799 -27.26 -25.16 4.34
C SER A 799 -25.74 -24.84 4.34
N VAL A 800 -25.34 -23.72 4.91
CA VAL A 800 -23.92 -23.34 4.70
C VAL A 800 -23.14 -23.15 6.04
N PHE A 801 -23.83 -23.15 7.17
CA PHE A 801 -23.19 -22.68 8.39
C PHE A 801 -22.22 -23.73 8.95
N GLU A 802 -22.73 -24.89 9.35
CA GLU A 802 -21.86 -25.92 9.98
C GLU A 802 -20.91 -26.50 9.04
N CYS A 803 -21.36 -26.74 7.80
CA CYS A 803 -20.47 -27.34 6.85
C CYS A 803 -19.34 -26.41 6.47
N THR A 804 -19.58 -25.10 6.46
CA THR A 804 -18.44 -24.20 6.07
C THR A 804 -17.55 -23.99 7.28
N LEU A 805 -18.16 -23.98 8.47
CA LEU A 805 -17.36 -23.75 9.64
C LEU A 805 -16.40 -24.94 9.74
N ASP A 806 -16.89 -26.14 9.45
CA ASP A 806 -16.04 -27.32 9.46
C ASP A 806 -14.82 -27.25 8.56
N MET A 807 -14.92 -26.55 7.42
CA MET A 807 -13.81 -26.40 6.49
C MET A 807 -12.72 -25.46 6.98
N ILE A 808 -13.08 -24.45 7.77
CA ILE A 808 -12.16 -23.35 8.06
C ILE A 808 -11.72 -23.31 9.57
N ASN A 809 -12.21 -24.26 10.39
CA ASN A 809 -11.93 -24.23 11.84
C ASN A 809 -10.75 -25.18 12.29
N LYS A 810 -9.85 -25.52 11.35
CA LYS A 810 -8.66 -26.33 11.69
C LYS A 810 -7.35 -25.57 11.64
N ASP A 811 -7.30 -24.50 10.86
CA ASP A 811 -6.12 -23.67 10.71
C ASP A 811 -6.67 -22.31 10.23
N PHE A 812 -5.79 -21.37 10.00
CA PHE A 812 -6.18 -20.04 9.57
C PHE A 812 -6.01 -19.84 8.06
N THR A 813 -5.69 -20.90 7.33
CA THR A 813 -5.22 -20.71 5.95
C THR A 813 -5.98 -21.52 4.91
N GLU A 814 -6.47 -22.70 5.28
CA GLU A 814 -7.14 -23.49 4.25
C GLU A 814 -8.49 -22.79 3.82
N TYR A 815 -8.87 -22.92 2.54
CA TYR A 815 -10.09 -22.29 1.94
C TYR A 815 -10.21 -20.78 2.26
N PRO A 816 -9.17 -20.00 1.88
CA PRO A 816 -9.06 -18.58 2.25
C PRO A 816 -10.27 -17.74 1.74
N GLU A 817 -10.79 -17.98 0.54
CA GLU A 817 -12.03 -17.25 0.10
C GLU A 817 -13.28 -17.65 0.84
N HIS A 818 -13.44 -18.94 1.14
CA HIS A 818 -14.60 -19.32 1.96
C HIS A 818 -14.61 -18.62 3.32
N ARG A 819 -13.45 -18.51 3.94
CA ARG A 819 -13.27 -17.82 5.23
C ARG A 819 -13.80 -16.39 5.20
N VAL A 820 -13.26 -15.62 4.26
CA VAL A 820 -13.65 -14.25 4.02
C VAL A 820 -15.17 -14.15 3.74
N GLU A 821 -15.67 -14.96 2.80
CA GLU A 821 -17.08 -14.76 2.37
C GLU A 821 -18.03 -15.27 3.49
N PHE A 822 -17.61 -16.30 4.20
CA PHE A 822 -18.38 -16.87 5.38
C PHE A 822 -18.67 -15.81 6.47
N TYR A 823 -17.64 -15.08 6.86
CA TYR A 823 -17.86 -14.06 7.92
C TYR A 823 -18.56 -12.81 7.40
N LYS A 824 -18.42 -12.51 6.10
CA LYS A 824 -19.25 -11.43 5.53
C LYS A 824 -20.73 -11.84 5.60
N LEU A 825 -21.03 -13.09 5.31
CA LEU A 825 -22.40 -13.57 5.34
C LEU A 825 -22.98 -13.64 6.76
N LEU A 826 -22.22 -14.20 7.68
CA LEU A 826 -22.64 -14.15 9.10
C LEU A 826 -22.80 -12.75 9.60
N LYS A 827 -21.93 -11.84 9.22
CA LYS A 827 -22.14 -10.50 9.77
C LYS A 827 -23.45 -9.91 9.27
N VAL A 828 -23.76 -10.13 7.97
CA VAL A 828 -25.02 -9.51 7.49
C VAL A 828 -26.25 -10.32 8.05
N ILE A 829 -26.16 -11.65 8.20
CA ILE A 829 -27.29 -12.33 8.86
C ILE A 829 -27.54 -11.83 10.31
N ASN A 830 -26.48 -11.74 11.08
CA ASN A 830 -26.53 -11.31 12.47
C ASN A 830 -27.17 -9.97 12.53
N GLU A 831 -26.83 -9.14 11.57
CA GLU A 831 -27.41 -7.81 11.45
C GLU A 831 -28.88 -7.80 10.99
N LYS A 832 -29.21 -8.47 9.89
CA LYS A 832 -30.53 -8.28 9.22
C LYS A 832 -31.56 -9.29 9.73
N SER A 833 -31.11 -10.43 10.25
CA SER A 833 -32.06 -11.50 10.59
C SER A 833 -31.52 -12.28 11.76
N PHE A 834 -31.22 -11.56 12.84
CA PHE A 834 -30.70 -12.19 14.03
C PHE A 834 -31.62 -13.31 14.54
N ALA A 835 -32.94 -13.13 14.41
CA ALA A 835 -33.92 -14.22 14.73
C ALA A 835 -33.50 -15.57 14.18
N ALA A 836 -32.86 -15.64 13.00
CA ALA A 836 -32.42 -16.98 12.48
C ALA A 836 -31.45 -17.66 13.41
N PHE A 837 -30.65 -16.87 14.13
CA PHE A 837 -29.66 -17.49 15.05
C PHE A 837 -30.30 -18.03 16.30
N LEU A 838 -31.54 -17.62 16.54
CA LEU A 838 -32.37 -18.14 17.62
C LEU A 838 -33.20 -19.35 17.17
N GLU A 839 -33.32 -19.56 15.87
CA GLU A 839 -34.03 -20.73 15.35
C GLU A 839 -33.07 -21.87 15.26
N LEU A 840 -31.81 -21.59 15.57
CA LEU A 840 -30.79 -22.61 15.68
C LEU A 840 -30.82 -23.30 17.05
N PRO A 841 -30.85 -24.66 17.04
CA PRO A 841 -30.66 -25.43 18.25
C PRO A 841 -29.49 -24.86 19.05
N PRO A 842 -29.58 -24.90 20.37
CA PRO A 842 -28.48 -24.41 21.18
C PRO A 842 -27.07 -24.89 20.77
N ALA A 843 -26.95 -26.12 20.26
CA ALA A 843 -25.62 -26.66 19.87
C ALA A 843 -24.99 -25.83 18.75
N ALA A 844 -25.85 -25.30 17.90
CA ALA A 844 -25.39 -24.52 16.80
C ALA A 844 -25.09 -23.10 17.25
N PHE A 845 -25.79 -22.60 18.27
CA PHE A 845 -25.48 -21.26 18.77
C PHE A 845 -24.08 -21.21 19.34
N LYS A 846 -23.78 -22.26 20.08
CA LYS A 846 -22.50 -22.47 20.67
C LYS A 846 -21.44 -22.42 19.58
N LEU A 847 -21.72 -23.06 18.44
CA LEU A 847 -20.80 -23.03 17.31
C LEU A 847 -20.64 -21.63 16.74
N PHE A 848 -21.73 -20.87 16.72
CA PHE A 848 -21.69 -19.50 16.26
C PHE A 848 -20.73 -18.67 17.12
N VAL A 849 -20.87 -18.78 18.45
CA VAL A 849 -19.97 -18.06 19.37
C VAL A 849 -18.51 -18.45 19.13
N ASP A 850 -18.21 -19.76 19.05
CA ASP A 850 -16.81 -20.18 18.71
C ASP A 850 -16.29 -19.63 17.36
N ALA A 851 -17.14 -19.71 16.35
CA ALA A 851 -16.79 -19.18 14.99
C ALA A 851 -16.46 -17.68 15.07
N ILE A 852 -17.24 -16.94 15.86
CA ILE A 852 -16.97 -15.51 16.03
C ILE A 852 -15.59 -15.28 16.61
N CYS A 853 -15.29 -15.94 17.74
CA CYS A 853 -13.95 -15.80 18.36
C CYS A 853 -12.86 -16.25 17.41
N TRP A 854 -13.09 -17.40 16.78
CA TRP A 854 -12.17 -17.89 15.74
C TRP A 854 -11.87 -16.80 14.74
N ALA A 855 -12.91 -16.10 14.25
CA ALA A 855 -12.63 -15.07 13.27
C ALA A 855 -11.69 -13.98 13.81
N PHE A 856 -11.93 -13.50 15.02
CA PHE A 856 -11.10 -12.32 15.38
C PHE A 856 -9.71 -12.76 15.91
N LYS A 857 -9.54 -14.07 16.05
CA LYS A 857 -8.22 -14.67 16.24
C LYS A 857 -7.35 -14.70 14.97
N HIS A 858 -7.94 -14.58 13.78
CA HIS A 858 -7.16 -14.48 12.53
C HIS A 858 -6.28 -13.24 12.49
N ASN A 859 -5.14 -13.33 11.79
CA ASN A 859 -4.36 -12.15 11.46
C ASN A 859 -4.77 -11.51 10.14
N ASN A 860 -5.66 -12.17 9.43
CA ASN A 860 -6.26 -11.61 8.24
C ASN A 860 -7.30 -10.53 8.53
N ARG A 861 -7.01 -9.30 8.11
CA ARG A 861 -7.89 -8.18 8.36
C ARG A 861 -9.31 -8.43 7.76
N ASP A 862 -9.33 -9.00 6.57
CA ASP A 862 -10.54 -9.28 5.83
C ASP A 862 -11.39 -10.40 6.42
N VAL A 863 -10.97 -10.97 7.54
CA VAL A 863 -11.76 -11.87 8.38
C VAL A 863 -11.93 -11.28 9.82
N GLU A 864 -10.83 -10.74 10.36
CA GLU A 864 -10.76 -10.29 11.73
C GLU A 864 -11.75 -9.14 11.95
N VAL A 865 -11.82 -8.19 11.02
CA VAL A 865 -12.70 -7.04 11.22
C VAL A 865 -14.19 -7.45 11.34
N ASN A 866 -14.60 -8.41 10.52
CA ASN A 866 -15.94 -8.96 10.61
C ASN A 866 -16.17 -9.74 11.88
N GLY A 867 -15.22 -10.59 12.28
CA GLY A 867 -15.41 -11.24 13.60
C GLY A 867 -15.67 -10.25 14.74
N LEU A 868 -14.87 -9.19 14.82
CA LEU A 868 -15.06 -8.15 15.86
C LEU A 868 -16.41 -7.46 15.73
N GLN A 869 -16.84 -7.13 14.48
CA GLN A 869 -18.11 -6.46 14.24
C GLN A 869 -19.23 -7.33 14.69
N ILE A 870 -19.18 -8.62 14.33
CA ILE A 870 -20.29 -9.49 14.68
C ILE A 870 -20.34 -9.64 16.22
N ALA A 871 -19.17 -9.74 16.88
CA ALA A 871 -19.11 -9.85 18.37
C ALA A 871 -19.74 -8.58 18.93
N LEU A 872 -19.40 -7.42 18.38
CA LEU A 872 -19.97 -6.17 18.89
C LEU A 872 -21.48 -6.10 18.67
N ASP A 873 -21.95 -6.57 17.49
CA ASP A 873 -23.39 -6.54 17.17
C ASP A 873 -24.10 -7.54 18.06
N LEU A 874 -23.50 -8.72 18.28
CA LEU A 874 -24.10 -9.67 19.22
C LEU A 874 -24.24 -9.13 20.68
N VAL A 875 -23.16 -8.57 21.23
CA VAL A 875 -23.19 -8.02 22.60
C VAL A 875 -24.21 -6.86 22.65
N LYS A 876 -24.22 -6.01 21.61
CA LYS A 876 -25.21 -4.92 21.48
C LYS A 876 -26.63 -5.46 21.62
N ASN A 877 -26.88 -6.52 20.89
CA ASN A 877 -28.14 -7.25 21.00
C ASN A 877 -28.46 -7.80 22.42
N ILE A 878 -27.50 -8.52 22.99
CA ILE A 878 -27.69 -9.09 24.32
C ILE A 878 -27.94 -7.92 25.32
N GLU A 879 -27.17 -6.81 25.20
CA GLU A 879 -27.40 -5.61 26.00
C GLU A 879 -28.86 -5.18 25.81
N ARG A 880 -29.32 -5.26 24.56
CA ARG A 880 -30.67 -4.77 24.23
C ARG A 880 -31.79 -5.58 24.93
N MET A 881 -31.66 -6.90 25.02
CA MET A 881 -32.77 -7.70 25.54
C MET A 881 -32.90 -7.68 27.07
N GLY A 882 -31.94 -7.06 27.77
CA GLY A 882 -32.02 -6.90 29.22
C GLY A 882 -32.07 -8.22 29.98
N ASN A 883 -33.02 -8.36 30.90
CA ASN A 883 -33.17 -9.54 31.76
C ASN A 883 -34.05 -10.69 31.24
N VAL A 884 -33.89 -11.04 29.96
CA VAL A 884 -34.59 -12.16 29.28
C VAL A 884 -33.77 -13.47 29.44
N PRO A 885 -34.43 -14.67 29.36
CA PRO A 885 -33.73 -15.96 29.51
C PRO A 885 -32.45 -16.12 28.68
N PHE A 886 -32.50 -15.72 27.41
CA PHE A 886 -31.36 -15.89 26.51
C PHE A 886 -30.10 -15.13 26.98
N ALA A 887 -30.28 -13.92 27.51
CA ALA A 887 -29.18 -13.11 28.06
C ALA A 887 -28.54 -13.78 29.26
N ASN A 888 -29.37 -14.40 30.10
CA ASN A 888 -28.88 -15.14 31.25
C ASN A 888 -28.11 -16.35 30.79
N GLU A 889 -28.60 -17.01 29.73
CA GLU A 889 -27.88 -18.11 29.10
C GLU A 889 -26.53 -17.65 28.57
N PHE A 890 -26.53 -16.46 27.97
CA PHE A 890 -25.36 -15.86 27.33
C PHE A 890 -24.30 -15.61 28.38
N HIS A 891 -24.68 -14.93 29.46
CA HIS A 891 -23.73 -14.74 30.52
C HIS A 891 -23.17 -16.08 31.00
N LYS A 892 -24.06 -17.04 31.24
CA LYS A 892 -23.65 -18.32 31.77
C LYS A 892 -22.73 -19.01 30.79
N ASN A 893 -23.07 -19.01 29.49
CA ASN A 893 -22.31 -19.86 28.58
C ASN A 893 -21.25 -19.16 27.72
N TYR A 894 -21.45 -17.89 27.41
CA TYR A 894 -20.67 -17.28 26.35
C TYR A 894 -19.97 -16.00 26.77
N PHE A 895 -20.50 -15.26 27.71
CA PHE A 895 -19.90 -13.95 28.03
C PHE A 895 -18.41 -14.05 28.37
N PHE A 896 -18.04 -15.00 29.22
CA PHE A 896 -16.63 -15.20 29.58
C PHE A 896 -15.75 -15.68 28.49
N ILE A 897 -16.32 -16.36 27.52
CA ILE A 897 -15.52 -16.77 26.36
C ILE A 897 -15.13 -15.48 25.64
N PHE A 898 -16.09 -14.55 25.50
CA PHE A 898 -15.79 -13.33 24.78
C PHE A 898 -14.80 -12.48 25.58
N VAL A 899 -15.02 -12.37 26.88
CA VAL A 899 -14.07 -11.59 27.67
C VAL A 899 -12.66 -12.13 27.50
N SER A 900 -12.43 -13.44 27.68
CA SER A 900 -11.03 -13.91 27.65
C SER A 900 -10.45 -13.89 26.25
N GLU A 901 -11.27 -14.28 25.26
CA GLU A 901 -10.73 -14.31 23.87
C GLU A 901 -10.44 -12.90 23.43
N THR A 902 -11.31 -11.95 23.76
CA THR A 902 -10.97 -10.57 23.34
C THR A 902 -9.66 -10.06 24.03
N PHE A 903 -9.52 -10.34 25.32
CA PHE A 903 -8.37 -9.83 26.02
C PHE A 903 -7.14 -10.50 25.53
N PHE A 904 -7.22 -11.78 25.24
CA PHE A 904 -6.06 -12.45 24.64
C PHE A 904 -5.58 -11.79 23.34
N VAL A 905 -6.50 -11.53 22.38
CA VAL A 905 -6.00 -11.01 21.08
C VAL A 905 -5.51 -9.59 21.31
N LEU A 906 -6.14 -8.92 22.25
CA LEU A 906 -5.78 -7.55 22.49
C LEU A 906 -4.34 -7.45 23.07
N THR A 907 -3.96 -8.43 23.86
CA THR A 907 -2.62 -8.38 24.47
C THR A 907 -1.59 -9.04 23.59
N ASP A 908 -2.01 -9.60 22.46
CA ASP A 908 -1.11 -10.46 21.70
C ASP A 908 -0.25 -9.61 20.83
N SER A 909 1.06 -9.64 21.14
CA SER A 909 2.08 -8.85 20.46
C SER A 909 2.30 -9.29 19.02
N ASP A 910 2.20 -10.61 18.77
CA ASP A 910 2.18 -11.19 17.41
C ASP A 910 0.95 -10.77 16.58
N HIS A 911 -0.11 -10.37 17.27
CA HIS A 911 -1.35 -10.03 16.61
C HIS A 911 -1.34 -8.52 16.49
N LYS A 912 -0.75 -8.02 15.41
CA LYS A 912 -0.54 -6.59 15.31
C LYS A 912 -1.76 -5.77 14.87
N SER A 913 -2.83 -6.45 14.43
CA SER A 913 -4.08 -5.82 13.96
C SER A 913 -5.14 -5.46 15.03
N GLY A 914 -6.03 -4.51 14.70
CA GLY A 914 -7.35 -4.33 15.37
C GLY A 914 -7.50 -3.76 16.80
N PHE A 915 -6.46 -3.11 17.34
CA PHE A 915 -6.53 -2.71 18.77
C PHE A 915 -7.80 -1.98 19.23
N SER A 916 -8.17 -0.95 18.50
CA SER A 916 -9.26 -0.08 18.90
C SER A 916 -10.60 -0.78 18.98
N LYS A 917 -10.91 -1.64 18.01
CA LYS A 917 -12.19 -2.34 18.05
C LYS A 917 -12.22 -3.42 19.13
N GLN A 918 -11.07 -4.06 19.36
CA GLN A 918 -10.94 -5.07 20.40
C GLN A 918 -11.16 -4.38 21.72
N ALA A 919 -10.53 -3.22 21.88
CA ALA A 919 -10.71 -2.49 23.17
C ALA A 919 -12.18 -2.09 23.34
N LEU A 920 -12.82 -1.75 22.23
CA LEU A 920 -14.22 -1.36 22.32
C LEU A 920 -15.07 -2.56 22.70
N LEU A 921 -14.77 -3.69 22.14
CA LEU A 921 -15.56 -4.86 22.53
C LEU A 921 -15.35 -5.24 24.00
N LEU A 922 -14.12 -5.12 24.45
CA LEU A 922 -13.87 -5.45 25.89
C LEU A 922 -14.65 -4.45 26.75
N MET A 923 -14.61 -3.19 26.36
CA MET A 923 -15.40 -2.15 27.07
C MET A 923 -16.92 -2.47 27.20
N LYS A 924 -17.52 -2.88 26.07
CA LYS A 924 -18.93 -3.24 26.02
C LYS A 924 -19.21 -4.47 26.85
N LEU A 925 -18.31 -5.46 26.82
CA LEU A 925 -18.50 -6.65 27.69
C LEU A 925 -18.51 -6.22 29.15
N ILE A 926 -17.56 -5.35 29.51
CA ILE A 926 -17.44 -4.97 30.91
C ILE A 926 -18.65 -4.14 31.24
N SER A 927 -19.00 -3.23 30.34
CA SER A 927 -20.23 -2.43 30.55
C SER A 927 -21.43 -3.34 30.69
N LEU A 928 -21.50 -4.37 29.84
CA LEU A 928 -22.66 -5.30 29.95
C LEU A 928 -22.93 -5.74 31.38
N VAL A 929 -21.89 -6.06 32.18
CA VAL A 929 -22.05 -6.40 33.63
C VAL A 929 -22.13 -5.20 34.58
N TYR A 930 -21.18 -4.27 34.48
CA TYR A 930 -21.14 -3.22 35.54
C TYR A 930 -22.19 -2.17 35.35
N ASP A 931 -22.78 -2.14 34.17
CA ASP A 931 -23.87 -1.23 33.92
C ASP A 931 -25.21 -1.85 34.31
N ASN A 932 -25.17 -3.05 34.83
CA ASN A 932 -26.39 -3.74 35.18
C ASN A 932 -26.34 -4.00 36.67
N LYS A 933 -27.27 -3.31 37.36
CA LYS A 933 -27.25 -3.10 38.79
C LYS A 933 -27.33 -4.40 39.60
N THR A 934 -27.90 -5.45 39.03
CA THR A 934 -28.29 -6.72 39.63
C THR A 934 -27.44 -7.87 39.11
N SER A 935 -26.48 -7.56 38.24
CA SER A 935 -25.55 -8.56 37.73
C SER A 935 -24.49 -8.87 38.76
N ASN A 936 -23.72 -9.93 38.52
CA ASN A 936 -22.72 -10.27 39.48
C ASN A 936 -21.36 -9.57 39.23
N GLN A 937 -21.19 -8.36 39.78
CA GLN A 937 -20.05 -7.53 39.48
C GLN A 937 -18.76 -8.00 40.12
N VAL A 938 -18.81 -8.29 41.42
CA VAL A 938 -17.64 -8.78 42.12
C VAL A 938 -17.14 -10.10 41.50
N TYR A 939 -18.07 -10.95 41.03
CA TYR A 939 -17.67 -12.16 40.27
C TYR A 939 -16.85 -11.82 39.03
N LEU A 940 -17.28 -10.83 38.27
CA LEU A 940 -16.50 -10.43 37.12
C LEU A 940 -15.15 -9.86 37.54
N SER A 941 -15.09 -9.10 38.65
CA SER A 941 -13.80 -8.57 39.11
C SER A 941 -12.82 -9.70 39.47
N GLN A 942 -13.32 -10.73 40.16
CA GLN A 942 -12.51 -11.94 40.50
C GLN A 942 -12.05 -12.66 39.22
N TYR A 943 -12.99 -12.83 38.27
CA TYR A 943 -12.63 -13.47 36.98
C TYR A 943 -11.50 -12.63 36.32
N LEU A 944 -11.69 -11.32 36.24
CA LEU A 944 -10.68 -10.49 35.57
C LEU A 944 -9.34 -10.49 36.33
N ALA A 945 -9.40 -10.53 37.67
CA ALA A 945 -8.16 -10.58 38.50
C ALA A 945 -7.43 -11.88 38.15
N ASN A 946 -8.18 -12.99 38.07
CA ASN A 946 -7.58 -14.27 37.64
C ASN A 946 -6.99 -14.23 36.24
N MET A 947 -7.72 -13.61 35.34
CA MET A 947 -7.26 -13.51 33.94
C MET A 947 -6.02 -12.66 33.81
N LEU A 948 -6.03 -11.49 34.45
CA LEU A 948 -4.79 -10.63 34.44
C LEU A 948 -3.63 -11.30 35.12
N SER A 949 -3.86 -11.95 36.28
CA SER A 949 -2.77 -12.67 36.96
C SER A 949 -2.14 -13.71 36.04
N ASN A 950 -3.01 -14.45 35.38
CA ASN A 950 -2.57 -15.48 34.47
C ASN A 950 -1.85 -14.85 33.26
N ALA A 951 -2.31 -13.71 32.74
CA ALA A 951 -1.61 -13.14 31.55
C ALA A 951 -0.31 -12.49 31.96
N PHE A 952 -0.23 -11.96 33.18
CA PHE A 952 0.97 -11.18 33.59
C PHE A 952 1.51 -11.70 34.93
N PRO A 953 2.06 -12.91 34.94
CA PRO A 953 2.48 -13.58 36.19
C PRO A 953 3.56 -12.79 36.91
N HIS A 954 4.27 -11.94 36.22
CA HIS A 954 5.32 -11.19 36.89
C HIS A 954 4.76 -9.99 37.64
N LEU A 955 3.50 -9.61 37.44
CA LEU A 955 2.98 -8.44 38.20
C LEU A 955 2.71 -8.81 39.67
N THR A 956 2.89 -7.88 40.62
CA THR A 956 2.57 -8.21 42.02
C THR A 956 1.07 -8.15 42.20
N SER A 957 0.58 -8.63 43.32
CA SER A 957 -0.84 -8.54 43.56
C SER A 957 -1.34 -7.14 43.56
N GLU A 958 -0.57 -6.18 44.10
CA GLU A 958 -1.07 -4.82 44.06
C GLU A 958 -1.12 -4.23 42.59
N GLN A 959 -0.11 -4.49 41.78
CA GLN A 959 -0.15 -4.07 40.39
C GLN A 959 -1.38 -4.65 39.62
N ILE A 960 -1.75 -5.89 39.96
CA ILE A 960 -2.90 -6.52 39.32
C ILE A 960 -4.09 -5.74 39.82
N ALA A 961 -4.15 -5.48 41.15
CA ALA A 961 -5.28 -4.71 41.75
C ALA A 961 -5.52 -3.41 41.09
N SER A 962 -4.44 -2.69 40.82
CA SER A 962 -4.51 -1.34 40.29
C SER A 962 -4.92 -1.38 38.81
N PHE A 963 -4.43 -2.35 38.10
CA PHE A 963 -4.82 -2.48 36.68
C PHE A 963 -6.32 -2.82 36.65
N LEU A 964 -6.73 -3.78 37.47
CA LEU A 964 -8.13 -4.23 37.48
C LEU A 964 -9.03 -3.04 37.78
N SER A 965 -8.66 -2.32 38.82
CA SER A 965 -9.45 -1.18 39.20
C SER A 965 -9.51 -0.07 38.09
N ALA A 966 -8.39 0.19 37.41
CA ALA A 966 -8.41 1.21 36.38
C ALA A 966 -9.22 0.73 35.20
N LEU A 967 -9.15 -0.57 34.94
CA LEU A 967 -9.88 -1.19 33.84
C LEU A 967 -11.39 -1.05 34.02
N THR A 968 -11.89 -1.23 35.23
CA THR A 968 -13.34 -1.27 35.36
C THR A 968 -13.91 0.06 35.84
N LYS A 969 -13.07 1.10 35.98
CA LYS A 969 -13.51 2.39 36.54
C LYS A 969 -14.57 3.07 35.68
N GLN A 970 -14.38 3.09 34.36
CA GLN A 970 -15.42 3.60 33.44
C GLN A 970 -15.38 2.77 32.15
N TYR A 971 -16.52 2.69 31.47
CA TYR A 971 -16.65 1.80 30.34
C TYR A 971 -17.70 2.45 29.41
N LYS A 972 -17.71 3.79 29.35
CA LYS A 972 -18.53 4.56 28.39
C LYS A 972 -17.71 5.25 27.32
N ASP A 973 -16.59 5.88 27.72
CA ASP A 973 -15.79 6.70 26.82
C ASP A 973 -14.65 5.87 26.27
N LEU A 974 -14.75 5.51 25.00
CA LEU A 974 -13.80 4.57 24.42
C LEU A 974 -12.40 5.16 24.36
N VAL A 975 -12.32 6.46 24.09
CA VAL A 975 -11.03 7.08 23.95
C VAL A 975 -10.27 6.96 25.29
N VAL A 976 -10.96 7.21 26.40
CA VAL A 976 -10.31 7.16 27.70
C VAL A 976 -9.98 5.69 28.06
N PHE A 977 -10.90 4.79 27.78
CA PHE A 977 -10.70 3.36 28.03
C PHE A 977 -9.48 2.81 27.30
N LYS A 978 -9.37 3.19 26.02
CA LYS A 978 -8.25 2.77 25.21
C LYS A 978 -6.97 3.29 25.79
N GLY A 979 -6.98 4.56 26.16
CA GLY A 979 -5.79 5.16 26.77
C GLY A 979 -5.40 4.42 28.04
N THR A 980 -6.36 4.07 28.89
CA THR A 980 -6.08 3.33 30.16
C THR A 980 -5.42 1.99 29.86
N LEU A 981 -6.01 1.29 28.93
CA LEU A 981 -5.53 -0.01 28.54
C LEU A 981 -4.11 0.08 27.93
N ARG A 982 -3.90 1.08 27.11
CA ARG A 982 -2.59 1.24 26.49
C ARG A 982 -1.57 1.65 27.50
N ASP A 983 -1.92 2.59 28.39
CA ASP A 983 -0.99 2.98 29.43
C ASP A 983 -0.51 1.75 30.19
N PHE A 984 -1.43 0.86 30.54
CA PHE A 984 -1.03 -0.25 31.36
C PHE A 984 -0.24 -1.25 30.54
N LEU A 985 -0.73 -1.59 29.36
CA LEU A 985 -0.05 -2.59 28.55
C LEU A 985 1.37 -2.13 28.15
N VAL A 986 1.54 -0.84 27.87
CA VAL A 986 2.90 -0.34 27.58
C VAL A 986 3.85 -0.46 28.78
N GLN A 987 3.41 -0.03 29.94
CA GLN A 987 4.18 -0.18 31.17
C GLN A 987 4.47 -1.68 31.39
N ILE A 988 3.43 -2.51 31.32
CA ILE A 988 3.54 -3.95 31.59
C ILE A 988 4.50 -4.67 30.65
N LYS A 989 4.50 -4.30 29.38
CA LYS A 989 5.36 -4.90 28.39
C LYS A 989 6.72 -4.18 28.23
N GLU A 990 7.00 -3.20 29.10
CA GLU A 990 8.33 -2.55 29.06
C GLU A 990 9.29 -3.47 29.76
N VAL A 991 8.96 -3.80 31.00
CA VAL A 991 9.70 -4.75 31.79
C VAL A 991 10.22 -5.89 30.91
N GLY A 992 9.35 -6.38 30.02
CA GLY A 992 9.63 -7.60 29.26
C GLY A 992 10.19 -7.43 27.86
N GLY A 993 10.22 -6.20 27.34
CA GLY A 993 10.73 -5.92 25.99
C GLY A 993 9.78 -6.24 24.83
N ASP A 994 8.61 -6.78 25.12
CA ASP A 994 7.58 -7.08 24.12
C ASP A 994 7.21 -5.84 23.29
N PRO A 995 6.75 -6.04 22.04
CA PRO A 995 6.44 -4.89 21.18
C PRO A 995 5.17 -4.12 21.59
N THR A 996 5.14 -2.82 21.32
CA THR A 996 4.02 -1.97 21.74
C THR A 996 3.42 -1.07 20.66
N ASP A 997 4.03 -1.03 19.49
CA ASP A 997 3.54 -0.13 18.45
C ASP A 997 2.20 -0.55 17.89
N TYR A 998 1.93 -1.84 17.96
CA TYR A 998 0.67 -2.33 17.45
C TYR A 998 -0.43 -1.58 18.16
N LEU A 999 -0.14 -1.20 19.40
CA LEU A 999 -1.06 -0.46 20.25
C LEU A 999 -1.37 0.93 19.70
N PHE A 1000 -0.42 1.50 18.95
CA PHE A 1000 -0.58 2.85 18.42
C PHE A 1000 -0.82 2.88 16.90
N ALA A 1001 -0.87 1.71 16.27
CA ALA A 1001 -0.94 1.65 14.79
C ALA A 1001 -2.31 2.00 14.17
N GLU A 1002 -3.41 1.52 14.73
CA GLU A 1002 -4.75 1.92 14.24
C GLU A 1002 -4.91 3.45 14.29
N ASP A 1003 -4.29 4.10 15.27
CA ASP A 1003 -4.41 5.55 15.41
C ASP A 1003 -3.65 6.28 14.32
N LYS A 1004 -2.43 5.84 14.03
CA LYS A 1004 -1.60 6.59 13.10
C LYS A 1004 -2.05 6.33 11.66
N GLU A 1005 -2.51 5.11 11.39
CA GLU A 1005 -3.19 4.79 10.15
C GLU A 1005 -4.47 5.64 9.98
N ASN A 1006 -5.17 5.95 11.06
CA ASN A 1006 -6.35 6.82 10.99
C ASN A 1006 -6.00 8.29 10.80
N ALA A 1007 -4.89 8.72 11.39
CA ALA A 1007 -4.44 10.10 11.20
C ALA A 1007 -3.92 10.30 9.75
N LEU A 1008 -3.24 9.31 9.21
CA LEU A 1008 -2.78 9.41 7.83
C LEU A 1008 -3.97 9.48 6.87
N MET A 1009 -4.94 8.60 7.03
CA MET A 1009 -6.13 8.60 6.17
C MET A 1009 -6.88 9.91 6.19
N GLU A 1010 -6.89 10.54 7.36
CA GLU A 1010 -7.46 11.87 7.53
C GLU A 1010 -6.63 12.92 6.81
N GLN A 1011 -5.31 12.77 6.92
CA GLN A 1011 -4.36 13.63 6.25
C GLN A 1011 -4.58 13.54 4.72
N ASN A 1012 -4.66 12.33 4.19
CA ASN A 1012 -4.99 12.09 2.80
C ASN A 1012 -6.34 12.61 2.36
N ARG A 1013 -7.35 12.53 3.23
CA ARG A 1013 -8.68 13.03 2.84
C ARG A 1013 -8.66 14.57 2.76
N LEU A 1014 -7.87 15.20 3.62
CA LEU A 1014 -7.67 16.65 3.57
C LEU A 1014 -6.91 17.11 2.31
N GLU A 1015 -5.83 16.42 2.00
CA GLU A 1015 -5.05 16.74 0.83
C GLU A 1015 -5.94 16.67 -0.41
N ARG A 1016 -6.75 15.61 -0.48
CA ARG A 1016 -7.58 15.28 -1.62
C ARG A 1016 -8.58 16.38 -1.84
N GLU A 1017 -9.09 16.93 -0.74
CA GLU A 1017 -10.03 18.02 -0.74
C GLU A 1017 -9.41 19.32 -1.26
N LYS A 1018 -8.16 19.59 -0.88
CA LYS A 1018 -7.41 20.71 -1.45
C LYS A 1018 -7.11 20.46 -2.94
N ALA A 1019 -6.64 19.23 -3.25
CA ALA A 1019 -6.25 18.88 -4.62
C ALA A 1019 -7.44 19.04 -5.59
N ALA A 1020 -8.62 18.65 -5.15
CA ALA A 1020 -9.85 18.88 -5.88
C ALA A 1020 -10.10 20.32 -6.33
N LYS A 1021 -9.55 21.32 -5.64
CA LYS A 1021 -9.77 22.72 -6.05
C LYS A 1021 -8.80 23.16 -7.13
N ILE A 1022 -7.82 22.31 -7.43
CA ILE A 1022 -6.81 22.70 -8.41
C ILE A 1022 -6.96 21.86 -9.68
N GLY A 1023 -7.40 22.50 -10.74
CA GLY A 1023 -7.69 21.84 -11.99
C GLY A 1023 -6.52 20.99 -12.43
N GLY A 1024 -6.76 19.69 -12.54
CA GLY A 1024 -5.79 18.78 -13.18
C GLY A 1024 -5.14 17.82 -12.18
N LEU A 1025 -5.15 18.17 -10.90
CA LEU A 1025 -4.56 17.33 -9.87
C LEU A 1025 -5.31 15.95 -9.78
N LEU A 1026 -6.64 15.96 -9.77
CA LEU A 1026 -7.43 14.73 -9.94
C LEU A 1026 -7.77 14.50 -11.41
N LYS A 1027 -7.60 13.28 -11.92
CA LYS A 1027 -7.90 13.06 -13.36
C LYS A 1027 -9.41 12.92 -13.55
N PRO A 1028 -9.92 13.14 -14.79
CA PRO A 1028 -11.35 13.11 -15.01
C PRO A 1028 -12.04 11.86 -14.45
N SER A 1029 -11.48 10.68 -14.72
CA SER A 1029 -12.05 9.41 -14.21
C SER A 1029 -12.24 9.45 -12.68
N GLU A 1030 -11.46 10.28 -11.97
CA GLU A 1030 -11.57 10.38 -10.52
C GLU A 1030 -12.60 11.41 -10.14
N LEU A 1031 -13.14 12.15 -11.11
CA LEU A 1031 -14.21 13.09 -10.83
C LEU A 1031 -15.55 12.40 -11.08
N ASP A 1032 -16.54 12.69 -10.26
CA ASP A 1032 -17.87 12.19 -10.60
C ASP A 1032 -18.66 13.34 -11.17
N ASP A 1033 -18.89 13.37 -12.49
CA ASP A 1033 -18.71 12.27 -13.47
C ASP A 1033 -19.83 12.44 -14.49
#